data_3KYB
#
_entry.id   3KYB
#
_cell.length_a   93.8
_cell.length_b   93.8
_cell.length_c   128.8
_cell.angle_alpha   90.00
_cell.angle_beta   90.00
_cell.angle_gamma   90.00
#
_symmetry.space_group_name_H-M   'P 41'
#
loop_
_entity.id
_entity.type
_entity.pdbx_description
1 polymer 'Probable UDP-galactopyranose mutase'
2 non-polymer 'FLAVIN-ADENINE DINUCLEOTIDE'
3 non-polymer 'FLAVIN MONONUCLEOTIDE'
4 water water
#
_entity_poly.entity_id   1
_entity_poly.type   'polypeptide(L)'
_entity_poly.pdbx_seq_one_letter_code
;MKSKKILIVGAGFSGAVIGRQLAEKGHQVHIIDQRDHIGGNSYDARDSETNVMVHVYGPHIFHTDNETVWNYINKHAEMM
PYVNRVKATVNGQVFSLPINLHTINQFFSKTCSPDEARALIAEKGDSTIADPQTFEEQALRFIGKELYEAFFKGYTIKQW
GMQPSELPASILKRLPVRFNYDDNYFNHKFQGMPKCGYTQMIKSILNHENIKVDLQREFIVDERTHYDHVFYSGPLDAFY
GYQYGRLGYRTLDFKKFIYQGDYQGCAVMNYCSVDVPYTRITEHKYFSPWEQHDGSVCYKEYSRACEENDIPYYPIRQMG
EMALLEKYLSLAENETNITFVGRLGTYRYLDMDVTIAEALKTAEVYLNSLTDNQPMPVFTVSVGHHHHHH
;
_entity_poly.pdbx_strand_id   A,B
#
# COMPACT_ATOMS: atom_id res chain seq x y z
N LYS A 2 -0.25 37.85 28.92
CA LYS A 2 -0.28 37.13 30.24
C LYS A 2 -0.55 35.60 30.08
N SER A 3 0.30 34.84 30.75
CA SER A 3 0.20 33.42 30.90
C SER A 3 -1.09 33.07 31.69
N LYS A 4 -1.89 32.14 31.15
CA LYS A 4 -3.16 31.77 31.76
C LYS A 4 -3.04 30.37 32.41
N LYS A 5 -3.82 30.09 33.44
CA LYS A 5 -3.78 28.74 34.01
C LYS A 5 -4.92 27.96 33.32
N ILE A 6 -4.62 26.78 32.76
CA ILE A 6 -5.56 26.01 31.90
C ILE A 6 -5.73 24.61 32.47
N LEU A 7 -6.97 24.24 32.78
CA LEU A 7 -7.22 22.85 33.12
C LEU A 7 -7.68 22.07 31.86
N ILE A 8 -7.11 20.89 31.64
CA ILE A 8 -7.55 20.09 30.50
C ILE A 8 -7.95 18.71 31.02
N VAL A 9 -9.19 18.34 30.79
CA VAL A 9 -9.66 17.04 31.29
C VAL A 9 -9.57 16.02 30.12
N GLY A 10 -8.57 15.14 30.23
CA GLY A 10 -8.30 14.04 29.29
C GLY A 10 -6.98 14.16 28.56
N ALA A 11 -6.27 13.07 28.53
CA ALA A 11 -4.98 13.03 27.88
C ALA A 11 -5.09 12.17 26.61
N GLY A 12 -6.20 12.28 25.87
CA GLY A 12 -6.22 11.64 24.55
C GLY A 12 -5.79 12.69 23.55
N PHE A 13 -6.12 12.46 22.27
CA PHE A 13 -5.66 13.41 21.33
C PHE A 13 -6.21 14.76 21.59
N SER A 14 -7.45 14.87 22.10
CA SER A 14 -8.02 16.22 22.15
C SER A 14 -7.27 17.08 23.22
N GLY A 15 -7.12 16.52 24.41
CA GLY A 15 -6.46 17.22 25.49
C GLY A 15 -5.02 17.47 25.14
N ALA A 16 -4.31 16.42 24.71
CA ALA A 16 -2.94 16.54 24.39
C ALA A 16 -2.63 17.60 23.33
N VAL A 17 -3.38 17.66 22.23
CA VAL A 17 -3.13 18.62 21.19
C VAL A 17 -3.51 20.03 21.65
N ILE A 18 -4.60 20.15 22.39
CA ILE A 18 -4.96 21.47 22.85
C ILE A 18 -3.85 21.97 23.81
N GLY A 19 -3.51 21.14 24.79
CA GLY A 19 -2.46 21.44 25.76
C GLY A 19 -1.14 21.86 25.09
N ARG A 20 -0.64 21.03 24.17
CA ARG A 20 0.59 21.36 23.42
C ARG A 20 0.56 22.74 22.74
N GLN A 21 -0.50 23.09 22.02
CA GLN A 21 -0.57 24.39 21.37
C GLN A 21 -0.60 25.58 22.36
N LEU A 22 -1.22 25.37 23.52
CA LEU A 22 -1.29 26.42 24.52
C LEU A 22 0.03 26.53 25.30
N ALA A 23 0.63 25.39 25.61
CA ALA A 23 1.89 25.34 26.27
C ALA A 23 2.92 26.17 25.51
N GLU A 24 2.87 26.08 24.18
CA GLU A 24 3.91 26.63 23.30
C GLU A 24 3.76 28.15 23.19
N LYS A 25 2.80 28.67 23.92
CA LYS A 25 2.51 30.07 23.87
C LYS A 25 2.52 30.68 25.26
N GLY A 26 3.07 29.94 26.22
CA GLY A 26 3.37 30.47 27.55
C GLY A 26 2.40 30.09 28.66
N HIS A 27 1.25 29.54 28.31
CA HIS A 27 0.26 29.20 29.32
C HIS A 27 0.60 27.97 30.11
N GLN A 28 0.11 27.94 31.34
CA GLN A 28 0.34 26.86 32.27
C GLN A 28 -0.83 25.86 32.20
N VAL A 29 -0.50 24.68 31.68
CA VAL A 29 -1.52 23.72 31.30
C VAL A 29 -1.46 22.58 32.20
N HIS A 30 -2.59 22.31 32.86
CA HIS A 30 -2.68 21.16 33.70
C HIS A 30 -3.63 20.11 33.04
N ILE A 31 -3.06 18.94 32.73
CA ILE A 31 -3.79 17.87 32.01
C ILE A 31 -4.05 16.74 32.99
N ILE A 32 -5.31 16.45 33.25
CA ILE A 32 -5.66 15.29 34.10
C ILE A 32 -6.34 14.19 33.29
N ASP A 33 -6.18 12.95 33.74
CA ASP A 33 -6.94 11.87 33.17
C ASP A 33 -7.28 10.84 34.25
N GLN A 34 -8.51 10.38 34.29
CA GLN A 34 -8.89 9.35 35.26
C GLN A 34 -8.32 7.99 35.04
N ARG A 35 -7.69 7.73 33.90
CA ARG A 35 -7.04 6.41 33.74
C ARG A 35 -5.60 6.53 34.19
N ASP A 36 -4.93 5.37 34.32
CA ASP A 36 -3.57 5.26 34.82
C ASP A 36 -2.56 5.39 33.67
N HIS A 37 -3.05 5.84 32.51
CA HIS A 37 -2.17 6.06 31.37
C HIS A 37 -2.79 7.09 30.47
N ILE A 38 -1.91 7.77 29.71
CA ILE A 38 -2.31 8.72 28.71
C ILE A 38 -2.90 8.00 27.48
N GLY A 39 -3.42 8.78 26.52
CA GLY A 39 -3.63 8.19 25.17
C GLY A 39 -5.09 8.09 24.82
N GLY A 40 -5.94 8.01 25.84
CA GLY A 40 -7.36 7.99 25.56
C GLY A 40 -7.65 6.71 24.82
N ASN A 41 -8.64 6.74 23.93
CA ASN A 41 -8.98 5.54 23.25
C ASN A 41 -8.03 5.19 22.15
N SER A 42 -6.93 5.96 21.97
CA SER A 42 -5.92 5.62 20.95
C SER A 42 -4.75 4.83 21.55
N TYR A 43 -4.84 4.55 22.83
CA TYR A 43 -3.80 3.91 23.54
C TYR A 43 -3.50 2.51 23.04
N ASP A 44 -2.21 2.24 22.88
CA ASP A 44 -1.70 0.94 22.56
C ASP A 44 -0.60 0.57 23.54
N ALA A 45 -0.34 -0.72 23.71
CA ALA A 45 0.67 -1.18 24.65
C ALA A 45 1.11 -2.55 24.22
N ARG A 46 2.30 -2.99 24.61
CA ARG A 46 2.71 -4.35 24.20
C ARG A 46 2.18 -5.44 25.11
N ASP A 47 1.83 -6.59 24.52
CA ASP A 47 1.47 -7.76 25.28
C ASP A 47 2.76 -8.41 25.85
N SER A 48 2.79 -8.63 27.17
CA SER A 48 3.95 -9.27 27.83
C SER A 48 4.51 -10.51 27.13
N GLU A 49 3.71 -11.55 26.97
CA GLU A 49 4.19 -12.79 26.32
C GLU A 49 4.70 -12.68 24.85
N THR A 50 3.92 -12.02 24.01
CA THR A 50 4.22 -12.13 22.60
C THR A 50 4.99 -10.94 22.19
N ASN A 51 5.04 -9.92 23.03
CA ASN A 51 5.53 -8.57 22.61
C ASN A 51 4.75 -7.87 21.46
N VAL A 52 3.57 -8.39 21.14
CA VAL A 52 2.74 -7.71 20.12
C VAL A 52 2.16 -6.42 20.68
N MET A 53 2.31 -5.36 19.88
CA MET A 53 1.72 -4.08 20.14
C MET A 53 0.22 -4.15 19.86
N VAL A 54 -0.54 -4.08 20.93
CA VAL A 54 -2.00 -4.13 20.89
C VAL A 54 -2.64 -2.75 20.97
N HIS A 55 -3.56 -2.51 20.05
CA HIS A 55 -4.45 -1.37 19.99
C HIS A 55 -5.61 -1.71 20.89
N VAL A 56 -5.49 -1.22 22.14
CA VAL A 56 -6.26 -1.69 23.27
C VAL A 56 -7.75 -1.43 23.09
N TYR A 57 -8.13 -0.28 22.55
CA TYR A 57 -9.55 0.11 22.42
C TYR A 57 -10.07 0.02 20.99
N GLY A 58 -9.47 -0.87 20.22
CA GLY A 58 -9.81 -1.02 18.82
C GLY A 58 -8.63 -0.63 17.91
N PRO A 59 -8.49 -1.33 16.78
CA PRO A 59 -7.54 -0.99 15.69
C PRO A 59 -7.69 0.43 15.41
N HIS A 60 -6.57 1.14 15.30
CA HIS A 60 -6.64 2.58 15.03
C HIS A 60 -5.73 2.84 13.82
N ILE A 61 -6.33 3.11 12.65
CA ILE A 61 -5.57 3.29 11.41
C ILE A 61 -5.60 4.77 11.13
N PHE A 62 -4.46 5.41 11.06
CA PHE A 62 -4.50 6.85 10.77
C PHE A 62 -4.80 7.12 9.29
N HIS A 63 -5.69 8.04 8.96
CA HIS A 63 -5.99 8.35 7.55
C HIS A 63 -6.51 9.78 7.43
N THR A 64 -6.03 10.50 6.44
CA THR A 64 -6.43 11.87 6.32
C THR A 64 -6.13 12.40 4.93
N ASP A 65 -6.94 13.38 4.51
CA ASP A 65 -6.58 14.26 3.35
C ASP A 65 -5.97 15.58 3.77
N ASN A 66 -5.83 15.75 5.08
CA ASN A 66 -5.44 17.04 5.69
C ASN A 66 -3.92 17.03 5.91
N GLU A 67 -3.21 17.63 4.98
CA GLU A 67 -1.75 17.64 5.00
C GLU A 67 -1.19 18.36 6.23
N THR A 68 -1.84 19.44 6.64
CA THR A 68 -1.42 20.14 7.88
C THR A 68 -1.39 19.12 9.06
N VAL A 69 -2.46 18.30 9.16
CA VAL A 69 -2.55 17.33 10.24
C VAL A 69 -1.50 16.25 10.08
N TRP A 70 -1.35 15.81 8.85
CA TRP A 70 -0.33 14.81 8.53
C TRP A 70 1.06 15.30 8.89
N ASN A 71 1.42 16.53 8.53
CA ASN A 71 2.75 17.04 8.95
C ASN A 71 2.83 17.12 10.47
N TYR A 72 1.74 17.53 11.12
CA TYR A 72 1.77 17.63 12.59
C TYR A 72 2.13 16.31 13.25
N ILE A 73 1.42 15.25 12.90
CA ILE A 73 1.80 14.01 13.55
C ILE A 73 3.20 13.52 13.10
N ASN A 74 3.62 13.85 11.88
CA ASN A 74 4.97 13.45 11.49
C ASN A 74 6.06 14.16 12.32
N LYS A 75 5.74 15.30 12.90
CA LYS A 75 6.59 15.84 13.94
C LYS A 75 6.67 15.01 15.24
N HIS A 76 5.78 14.02 15.44
CA HIS A 76 5.71 13.31 16.72
C HIS A 76 5.83 11.81 16.64
N ALA A 77 6.03 11.32 15.43
CA ALA A 77 6.23 9.91 15.26
C ALA A 77 6.84 9.68 13.92
N GLU A 78 7.28 8.45 13.70
CA GLU A 78 7.62 8.01 12.38
C GLU A 78 6.45 7.27 11.77
N MET A 79 5.81 7.86 10.79
CA MET A 79 4.66 7.19 10.19
C MET A 79 5.06 6.16 9.14
N MET A 80 4.72 4.90 9.37
CA MET A 80 5.00 3.81 8.48
C MET A 80 3.92 3.67 7.45
N PRO A 81 4.31 3.40 6.20
CA PRO A 81 3.19 3.17 5.23
C PRO A 81 2.41 1.89 5.66
N TYR A 82 1.11 1.95 5.56
CA TYR A 82 0.24 0.86 5.94
C TYR A 82 -1.03 1.13 5.20
N VAL A 83 -1.52 0.14 4.45
CA VAL A 83 -2.79 0.25 3.71
C VAL A 83 -3.69 -0.82 4.26
N ASN A 84 -4.83 -0.42 4.86
CA ASN A 84 -5.80 -1.31 5.49
C ASN A 84 -6.55 -2.01 4.39
N ARG A 85 -6.52 -3.34 4.45
CA ARG A 85 -7.14 -4.18 3.45
C ARG A 85 -8.00 -5.19 4.24
N VAL A 86 -9.31 -5.05 4.25
CA VAL A 86 -10.15 -5.82 5.10
C VAL A 86 -10.63 -7.06 4.38
N LYS A 87 -10.74 -8.19 5.06
CA LYS A 87 -11.36 -9.41 4.42
C LYS A 87 -12.65 -9.73 5.14
N ALA A 88 -13.48 -10.57 4.54
CA ALA A 88 -14.68 -10.98 5.18
C ALA A 88 -14.98 -12.42 4.89
N THR A 89 -15.53 -13.11 5.90
CA THR A 89 -15.97 -14.47 5.73
C THR A 89 -17.51 -14.50 5.77
N VAL A 90 -18.10 -15.02 4.69
CA VAL A 90 -19.55 -15.26 4.70
C VAL A 90 -19.88 -16.38 3.73
N ASN A 91 -20.89 -17.21 4.05
CA ASN A 91 -21.36 -18.24 3.10
C ASN A 91 -20.24 -19.23 2.72
N GLY A 92 -19.38 -19.58 3.66
CA GLY A 92 -18.35 -20.60 3.33
C GLY A 92 -17.25 -20.11 2.39
N GLN A 93 -17.11 -18.79 2.21
CA GLN A 93 -16.05 -18.18 1.42
C GLN A 93 -15.44 -16.96 2.09
N VAL A 94 -14.32 -16.53 1.52
CA VAL A 94 -13.62 -15.38 1.99
C VAL A 94 -13.53 -14.36 0.88
N PHE A 95 -13.93 -13.13 1.21
CA PHE A 95 -14.08 -12.09 0.24
C PHE A 95 -13.25 -10.90 0.62
N SER A 96 -13.07 -10.04 -0.35
CA SER A 96 -12.42 -8.80 -0.22
C SER A 96 -13.47 -7.71 0.02
N LEU A 97 -13.24 -6.82 1.00
CA LEU A 97 -14.05 -5.61 1.15
C LEU A 97 -13.18 -4.38 1.00
N PRO A 98 -13.77 -3.18 0.73
CA PRO A 98 -15.21 -2.98 0.55
C PRO A 98 -15.57 -3.58 -0.82
N ILE A 99 -16.87 -3.78 -1.06
CA ILE A 99 -17.31 -4.43 -2.27
C ILE A 99 -16.60 -3.85 -3.51
N ASN A 100 -15.83 -4.67 -4.20
CA ASN A 100 -15.14 -4.23 -5.41
C ASN A 100 -15.32 -5.22 -6.58
N LEU A 101 -14.65 -4.97 -7.72
CA LEU A 101 -14.80 -5.85 -8.86
C LEU A 101 -14.40 -7.28 -8.54
N HIS A 102 -13.39 -7.48 -7.66
CA HIS A 102 -13.05 -8.84 -7.25
C HIS A 102 -14.18 -9.48 -6.41
N THR A 103 -14.79 -8.71 -5.51
CA THR A 103 -15.89 -9.25 -4.67
C THR A 103 -17.08 -9.63 -5.58
N ILE A 104 -17.41 -8.74 -6.49
CA ILE A 104 -18.48 -9.01 -7.44
C ILE A 104 -18.29 -10.27 -8.25
N ASN A 105 -17.11 -10.40 -8.84
CA ASN A 105 -16.82 -11.53 -9.71
C ASN A 105 -16.73 -12.85 -8.95
N GLN A 106 -16.22 -12.77 -7.72
CA GLN A 106 -16.19 -13.95 -6.92
C GLN A 106 -17.59 -14.34 -6.45
N PHE A 107 -18.37 -13.35 -5.99
CA PHE A 107 -19.70 -13.67 -5.42
C PHE A 107 -20.70 -14.26 -6.46
N PHE A 108 -20.76 -13.66 -7.65
CA PHE A 108 -21.64 -14.15 -8.73
C PHE A 108 -20.98 -15.12 -9.74
N SER A 109 -19.74 -15.53 -9.49
CA SER A 109 -18.97 -16.38 -10.38
C SER A 109 -18.89 -15.87 -11.80
N LYS A 110 -18.41 -14.64 -11.97
CA LYS A 110 -18.29 -14.07 -13.27
C LYS A 110 -16.83 -13.63 -13.48
N THR A 111 -16.54 -13.16 -14.68
CA THR A 111 -15.30 -12.43 -14.98
C THR A 111 -15.68 -11.16 -15.70
N CYS A 112 -16.56 -10.37 -15.07
CA CYS A 112 -16.94 -9.04 -15.59
C CYS A 112 -15.77 -8.09 -15.63
N SER A 113 -15.74 -7.27 -16.67
CA SER A 113 -14.94 -5.99 -16.69
C SER A 113 -15.71 -4.94 -15.84
N PRO A 114 -15.11 -3.78 -15.56
CA PRO A 114 -15.83 -2.75 -14.83
C PRO A 114 -17.20 -2.41 -15.43
N ASP A 115 -17.28 -2.14 -16.73
CA ASP A 115 -18.56 -1.81 -17.32
C ASP A 115 -19.58 -2.96 -17.32
N GLU A 116 -19.13 -4.21 -17.51
CA GLU A 116 -20.07 -5.34 -17.35
C GLU A 116 -20.61 -5.48 -15.92
N ALA A 117 -19.79 -5.12 -14.93
CA ALA A 117 -20.17 -5.24 -13.51
C ALA A 117 -21.15 -4.08 -13.19
N ARG A 118 -20.91 -2.88 -13.71
CA ARG A 118 -21.92 -1.80 -13.57
C ARG A 118 -23.30 -2.27 -14.08
N ALA A 119 -23.32 -2.94 -15.24
CA ALA A 119 -24.57 -3.37 -15.83
C ALA A 119 -25.19 -4.48 -15.01
N LEU A 120 -24.35 -5.33 -14.41
CA LEU A 120 -24.92 -6.43 -13.66
C LEU A 120 -25.51 -5.91 -12.31
N ILE A 121 -24.81 -4.97 -11.70
CA ILE A 121 -25.31 -4.42 -10.48
C ILE A 121 -26.54 -3.45 -10.72
N ALA A 122 -26.50 -2.55 -11.70
CA ALA A 122 -27.70 -1.76 -12.05
C ALA A 122 -28.92 -2.68 -12.25
N GLU A 123 -28.70 -3.83 -12.86
CA GLU A 123 -29.79 -4.73 -12.99
C GLU A 123 -30.26 -5.33 -11.62
N LYS A 124 -29.35 -5.57 -10.66
CA LYS A 124 -29.83 -6.09 -9.39
C LYS A 124 -30.50 -5.04 -8.50
N GLY A 125 -30.07 -3.78 -8.64
CA GLY A 125 -30.54 -2.66 -7.88
C GLY A 125 -31.95 -2.24 -8.29
N ASP A 126 -32.65 -1.57 -7.39
CA ASP A 126 -33.99 -1.18 -7.70
C ASP A 126 -33.96 0.31 -7.91
N SER A 127 -33.81 0.73 -9.14
CA SER A 127 -33.74 2.15 -9.43
C SER A 127 -35.10 2.86 -9.42
N THR A 128 -36.12 2.16 -8.95
CA THR A 128 -37.43 2.69 -8.75
C THR A 128 -37.52 3.43 -7.38
N ILE A 129 -36.53 3.23 -6.52
CA ILE A 129 -36.48 3.93 -5.24
C ILE A 129 -35.88 5.32 -5.46
N ALA A 130 -36.69 6.39 -5.43
CA ALA A 130 -36.20 7.74 -5.74
C ALA A 130 -35.15 8.23 -4.74
N ASP A 131 -35.36 8.07 -3.44
CA ASP A 131 -34.39 8.61 -2.51
C ASP A 131 -34.50 7.75 -1.27
N PRO A 132 -33.57 6.82 -1.12
CA PRO A 132 -33.64 5.79 -0.11
C PRO A 132 -33.60 6.50 1.23
N GLN A 133 -34.46 6.09 2.16
CA GLN A 133 -34.57 6.73 3.47
C GLN A 133 -33.94 5.84 4.57
N THR A 134 -33.87 4.54 4.33
CA THR A 134 -33.30 3.63 5.24
C THR A 134 -32.05 2.99 4.69
N PHE A 135 -31.29 2.41 5.62
CA PHE A 135 -30.10 1.67 5.25
C PHE A 135 -30.54 0.57 4.28
N GLU A 136 -31.68 -0.05 4.59
CA GLU A 136 -32.11 -1.18 3.80
C GLU A 136 -32.42 -0.78 2.38
N GLU A 137 -33.20 0.28 2.23
CA GLU A 137 -33.53 0.81 0.94
C GLU A 137 -32.29 1.29 0.20
N GLN A 138 -31.33 1.90 0.87
CA GLN A 138 -30.10 2.26 0.18
C GLN A 138 -29.39 1.00 -0.43
N ALA A 139 -29.36 -0.09 0.31
CA ALA A 139 -28.75 -1.32 -0.19
C ALA A 139 -29.56 -1.93 -1.37
N LEU A 140 -30.90 -1.99 -1.23
CA LEU A 140 -31.73 -2.49 -2.32
C LEU A 140 -31.55 -1.63 -3.59
N ARG A 141 -31.32 -0.35 -3.39
CA ARG A 141 -31.24 0.60 -4.49
C ARG A 141 -29.94 0.41 -5.23
N PHE A 142 -28.84 0.30 -4.50
CA PHE A 142 -27.56 0.33 -5.14
C PHE A 142 -26.81 -0.99 -5.28
N ILE A 143 -27.02 -1.95 -4.38
CA ILE A 143 -26.22 -3.19 -4.47
C ILE A 143 -27.04 -4.42 -4.74
N GLY A 144 -28.35 -4.33 -4.49
CA GLY A 144 -29.22 -5.50 -4.73
C GLY A 144 -29.36 -6.38 -3.49
N LYS A 145 -30.41 -7.18 -3.50
CA LYS A 145 -30.76 -8.03 -2.44
C LYS A 145 -29.70 -9.03 -2.06
N GLU A 146 -28.97 -9.58 -3.04
CA GLU A 146 -28.06 -10.69 -2.73
C GLU A 146 -26.85 -10.21 -1.97
N LEU A 147 -26.26 -9.14 -2.51
CA LEU A 147 -25.12 -8.50 -1.86
C LEU A 147 -25.50 -7.99 -0.48
N TYR A 148 -26.68 -7.39 -0.44
CA TYR A 148 -27.13 -6.81 0.79
C TYR A 148 -27.25 -7.85 1.86
N GLU A 149 -27.87 -9.01 1.57
CA GLU A 149 -28.16 -9.99 2.60
C GLU A 149 -26.91 -10.77 2.98
N ALA A 150 -26.00 -10.90 2.02
CA ALA A 150 -24.70 -11.58 2.31
C ALA A 150 -23.78 -10.68 3.15
N PHE A 151 -23.54 -9.44 2.72
CA PHE A 151 -22.43 -8.65 3.30
C PHE A 151 -22.87 -7.65 4.29
N PHE A 152 -24.10 -7.16 4.19
CA PHE A 152 -24.50 -6.03 5.03
C PHE A 152 -25.61 -6.29 6.07
N LYS A 153 -26.65 -7.06 5.74
CA LYS A 153 -27.77 -7.12 6.63
C LYS A 153 -27.43 -7.61 8.06
N GLY A 154 -26.86 -8.81 8.14
CA GLY A 154 -26.49 -9.44 9.43
C GLY A 154 -25.38 -8.68 10.16
N TYR A 155 -24.47 -8.12 9.40
CA TYR A 155 -23.33 -7.41 9.96
C TYR A 155 -23.81 -6.13 10.62
N THR A 156 -24.67 -5.41 9.91
CA THR A 156 -25.22 -4.17 10.42
C THR A 156 -26.12 -4.40 11.65
N ILE A 157 -26.92 -5.47 11.60
CA ILE A 157 -27.74 -5.80 12.74
C ILE A 157 -26.85 -6.08 13.95
N LYS A 158 -25.77 -6.80 13.75
CA LYS A 158 -24.86 -7.04 14.88
C LYS A 158 -24.26 -5.75 15.46
N GLN A 159 -23.79 -4.83 14.59
CA GLN A 159 -23.19 -3.57 15.07
C GLN A 159 -24.19 -2.66 15.76
N TRP A 160 -25.44 -2.62 15.30
CA TRP A 160 -26.35 -1.56 15.74
C TRP A 160 -27.36 -2.10 16.66
N GLY A 161 -27.57 -3.43 16.64
CA GLY A 161 -28.69 -3.96 17.43
C GLY A 161 -30.07 -3.42 16.97
N MET A 162 -30.27 -3.17 15.66
CA MET A 162 -31.58 -2.68 15.12
C MET A 162 -31.74 -3.22 13.70
N GLN A 163 -32.97 -3.33 13.17
CA GLN A 163 -33.09 -3.84 11.80
C GLN A 163 -32.62 -2.74 10.87
N PRO A 164 -32.00 -3.11 9.75
CA PRO A 164 -31.60 -2.04 8.88
C PRO A 164 -32.76 -1.23 8.26
N SER A 165 -33.96 -1.78 8.26
CA SER A 165 -35.06 -0.99 7.77
C SER A 165 -35.39 0.14 8.75
N GLU A 166 -34.75 0.15 9.93
CA GLU A 166 -34.97 1.16 10.94
C GLU A 166 -33.78 2.10 11.11
N LEU A 167 -32.73 1.93 10.29
CA LEU A 167 -31.53 2.76 10.32
C LEU A 167 -31.49 3.72 9.13
N PRO A 168 -30.87 4.88 9.29
CA PRO A 168 -30.79 5.83 8.18
C PRO A 168 -29.94 5.33 7.01
N ALA A 169 -30.34 5.75 5.80
CA ALA A 169 -29.58 5.52 4.57
C ALA A 169 -28.13 5.97 4.68
N SER A 170 -27.91 6.99 5.49
CA SER A 170 -26.64 7.72 5.55
C SER A 170 -25.46 6.84 5.95
N ILE A 171 -25.72 5.82 6.74
CA ILE A 171 -24.66 4.89 7.07
C ILE A 171 -24.01 4.22 5.85
N LEU A 172 -24.81 3.82 4.88
CA LEU A 172 -24.27 3.09 3.72
C LEU A 172 -23.87 4.02 2.55
N LYS A 173 -24.47 5.23 2.51
CA LYS A 173 -24.12 6.33 1.57
C LYS A 173 -22.63 6.60 1.64
N ARG A 174 -22.04 6.41 2.83
CA ARG A 174 -20.60 6.51 3.08
C ARG A 174 -19.80 5.50 2.26
N LEU A 175 -20.44 4.41 1.82
CA LEU A 175 -19.76 3.23 1.25
C LEU A 175 -20.20 2.77 -0.22
N PRO A 176 -19.96 3.61 -1.28
CA PRO A 176 -20.35 3.15 -2.66
C PRO A 176 -19.70 1.79 -3.08
N VAL A 177 -20.32 1.07 -4.02
CA VAL A 177 -19.70 -0.08 -4.67
C VAL A 177 -18.48 0.38 -5.52
N ARG A 178 -17.36 -0.36 -5.56
CA ARG A 178 -16.24 0.06 -6.42
C ARG A 178 -16.16 -0.80 -7.66
N PHE A 179 -16.19 -0.22 -8.85
CA PHE A 179 -16.17 -1.08 -10.03
C PHE A 179 -14.78 -1.27 -10.62
N ASN A 180 -13.76 -1.28 -9.77
CA ASN A 180 -12.38 -1.71 -10.15
C ASN A 180 -11.84 -2.66 -9.08
N TYR A 181 -10.54 -3.01 -9.18
CA TYR A 181 -9.87 -3.98 -8.30
C TYR A 181 -9.10 -3.35 -7.13
N ASP A 182 -9.28 -2.07 -6.88
CA ASP A 182 -8.78 -1.40 -5.67
C ASP A 182 -9.50 -1.91 -4.38
N ASP A 183 -8.79 -2.52 -3.44
CA ASP A 183 -9.43 -2.93 -2.25
C ASP A 183 -8.77 -2.26 -1.05
N ASN A 184 -8.14 -1.10 -1.26
CA ASN A 184 -7.74 -0.24 -0.07
C ASN A 184 -9.01 0.12 0.66
N TYR A 185 -9.08 -0.05 1.97
CA TYR A 185 -10.31 0.27 2.70
C TYR A 185 -10.60 1.80 2.75
N PHE A 186 -9.56 2.60 2.89
CA PHE A 186 -9.72 4.07 2.99
C PHE A 186 -9.22 4.71 1.72
N ASN A 187 -9.92 5.72 1.22
CA ASN A 187 -9.51 6.48 0.03
C ASN A 187 -8.61 7.65 0.30
N HIS A 188 -8.28 7.90 1.57
CA HIS A 188 -7.55 9.13 1.94
C HIS A 188 -6.16 9.17 1.31
N LYS A 189 -5.68 10.38 1.00
CA LYS A 189 -4.33 10.52 0.45
C LYS A 189 -3.21 10.10 1.43
N PHE A 190 -3.35 10.35 2.72
CA PHE A 190 -2.30 9.93 3.64
C PHE A 190 -2.80 8.84 4.59
N GLN A 191 -2.07 7.75 4.72
CA GLN A 191 -2.50 6.64 5.52
C GLN A 191 -1.27 6.04 6.09
N GLY A 192 -1.34 5.64 7.35
CA GLY A 192 -0.22 4.97 7.98
C GLY A 192 -0.40 4.67 9.44
N MET A 193 0.66 4.15 10.07
CA MET A 193 0.65 3.70 11.45
C MET A 193 1.96 4.18 12.05
N PRO A 194 1.94 4.73 13.27
CA PRO A 194 3.14 5.24 13.95
C PRO A 194 4.03 4.08 14.32
N LYS A 195 5.30 4.14 13.94
CA LYS A 195 6.21 3.05 14.24
C LYS A 195 6.29 2.66 15.73
N CYS A 196 6.37 3.61 16.62
CA CYS A 196 6.43 3.18 18.02
C CYS A 196 5.06 3.28 18.72
N GLY A 197 3.94 3.33 17.95
CA GLY A 197 2.58 3.35 18.52
C GLY A 197 2.04 4.71 18.84
N TYR A 198 0.74 4.77 19.10
CA TYR A 198 0.08 6.06 19.46
C TYR A 198 0.38 6.58 20.88
N THR A 199 0.49 5.71 21.87
CA THR A 199 0.87 6.13 23.24
C THR A 199 2.15 7.00 23.12
N GLN A 200 3.21 6.46 22.47
CA GLN A 200 4.44 7.21 22.22
C GLN A 200 4.22 8.48 21.44
N MET A 201 3.37 8.46 20.43
CA MET A 201 3.07 9.73 19.72
C MET A 201 2.44 10.76 20.64
N ILE A 202 1.50 10.32 21.47
CA ILE A 202 0.81 11.26 22.33
C ILE A 202 1.78 11.77 23.44
N LYS A 203 2.62 10.88 23.96
CA LYS A 203 3.73 11.22 24.85
C LYS A 203 4.61 12.37 24.24
N SER A 204 4.98 12.28 22.96
CA SER A 204 5.73 13.38 22.37
C SER A 204 4.89 14.63 22.30
N ILE A 205 3.60 14.51 21.94
CA ILE A 205 2.74 15.71 21.95
C ILE A 205 2.65 16.32 23.35
N LEU A 206 2.57 15.49 24.36
CA LEU A 206 2.47 15.94 25.72
C LEU A 206 3.83 16.44 26.30
N ASN A 207 4.93 16.26 25.55
CA ASN A 207 6.30 16.57 26.08
C ASN A 207 6.71 18.08 25.94
N HIS A 208 6.34 18.85 26.94
CA HIS A 208 6.70 20.24 26.97
C HIS A 208 6.82 20.65 28.45
N GLU A 209 7.54 21.74 28.66
CA GLU A 209 7.91 22.28 29.97
C GLU A 209 6.65 22.87 30.63
N ASN A 210 5.76 23.43 29.80
CA ASN A 210 4.52 24.08 30.26
C ASN A 210 3.32 23.14 30.54
N ILE A 211 3.58 21.82 30.59
CA ILE A 211 2.49 20.86 30.69
C ILE A 211 2.72 19.96 31.84
N LYS A 212 1.81 19.94 32.78
CA LYS A 212 1.93 18.91 33.83
C LYS A 212 0.77 17.92 33.65
N VAL A 213 1.07 16.65 33.81
CA VAL A 213 0.13 15.59 33.51
C VAL A 213 -0.05 14.73 34.72
N ASP A 214 -1.22 14.77 35.32
CA ASP A 214 -1.57 13.87 36.40
C ASP A 214 -2.59 12.85 35.98
N LEU A 215 -2.22 11.60 36.19
CA LEU A 215 -3.03 10.42 35.96
C LEU A 215 -3.80 9.98 37.20
N GLN A 216 -4.71 9.03 37.00
CA GLN A 216 -5.61 8.49 38.03
C GLN A 216 -6.35 9.54 38.78
N ARG A 217 -6.82 10.52 38.06
CA ARG A 217 -7.33 11.68 38.66
C ARG A 217 -8.61 12.14 37.95
N GLU A 218 -9.72 11.90 38.62
CA GLU A 218 -11.00 12.20 38.09
C GLU A 218 -11.20 13.70 38.27
N PHE A 219 -11.79 14.35 37.29
CA PHE A 219 -12.24 15.74 37.44
C PHE A 219 -13.26 15.94 38.58
N ILE A 220 -13.15 17.12 39.18
CA ILE A 220 -13.93 17.54 40.36
C ILE A 220 -14.43 18.95 40.09
N VAL A 221 -15.74 19.12 40.08
CA VAL A 221 -16.33 20.39 39.76
C VAL A 221 -15.79 21.58 40.58
N ASP A 222 -15.23 21.29 41.76
CA ASP A 222 -14.68 22.33 42.63
C ASP A 222 -13.41 23.03 42.07
N GLU A 223 -12.64 22.29 41.25
CA GLU A 223 -11.37 22.76 40.75
C GLU A 223 -11.51 23.94 39.82
N ARG A 224 -12.65 24.13 39.20
CA ARG A 224 -12.69 25.05 38.05
C ARG A 224 -12.18 26.46 38.37
N THR A 225 -12.45 26.89 39.60
CA THR A 225 -12.17 28.25 40.08
C THR A 225 -10.66 28.53 40.14
N HIS A 226 -9.85 27.48 40.23
CA HIS A 226 -8.43 27.66 40.24
C HIS A 226 -7.81 27.78 38.84
N TYR A 227 -8.62 28.04 37.80
CA TYR A 227 -8.07 28.10 36.44
C TYR A 227 -8.77 29.15 35.65
N ASP A 228 -8.11 29.70 34.65
CA ASP A 228 -8.76 30.67 33.80
C ASP A 228 -9.75 30.05 32.82
N HIS A 229 -9.43 28.84 32.35
CA HIS A 229 -10.29 28.11 31.42
C HIS A 229 -10.13 26.59 31.50
N VAL A 230 -11.23 25.87 31.32
CA VAL A 230 -11.23 24.41 31.33
C VAL A 230 -11.57 23.81 29.97
N PHE A 231 -10.73 22.90 29.53
CA PHE A 231 -11.10 22.20 28.28
C PHE A 231 -11.49 20.80 28.69
N TYR A 232 -12.74 20.40 28.37
CA TYR A 232 -13.33 19.12 28.85
C TYR A 232 -13.61 18.15 27.66
N SER A 233 -12.92 17.00 27.62
CA SER A 233 -13.06 15.95 26.57
C SER A 233 -13.61 14.63 27.15
N GLY A 234 -14.09 14.70 28.39
CA GLY A 234 -14.87 13.62 28.94
C GLY A 234 -16.34 13.73 28.51
N PRO A 235 -17.14 12.75 28.90
CA PRO A 235 -18.51 12.71 28.39
C PRO A 235 -19.37 13.89 28.82
N LEU A 236 -20.11 14.48 27.88
CA LEU A 236 -20.97 15.60 28.24
C LEU A 236 -22.04 15.22 29.33
N ASP A 237 -22.62 14.04 29.23
CA ASP A 237 -23.70 13.72 30.11
C ASP A 237 -23.14 13.50 31.53
N ALA A 238 -22.00 12.81 31.60
CA ALA A 238 -21.24 12.61 32.85
C ALA A 238 -20.92 13.94 33.59
N PHE A 239 -20.45 14.95 32.90
CA PHE A 239 -20.16 16.21 33.55
C PHE A 239 -21.44 16.75 34.24
N TYR A 240 -22.61 16.49 33.67
CA TYR A 240 -23.83 16.91 34.31
C TYR A 240 -24.46 15.83 35.16
N GLY A 241 -23.67 14.85 35.62
CA GLY A 241 -24.22 13.84 36.55
C GLY A 241 -25.31 12.94 35.95
N TYR A 242 -25.37 12.91 34.63
CA TYR A 242 -26.31 12.10 33.88
C TYR A 242 -27.71 12.44 34.39
N GLN A 243 -27.93 13.68 34.83
CA GLN A 243 -29.21 14.07 35.42
C GLN A 243 -30.40 13.86 34.49
N TYR A 244 -30.23 13.91 33.16
CA TYR A 244 -31.37 13.64 32.30
C TYR A 244 -31.39 12.22 31.67
N GLY A 245 -30.45 11.37 32.05
CA GLY A 245 -30.24 10.10 31.34
C GLY A 245 -28.91 10.02 30.60
N ARG A 246 -28.54 8.81 30.17
CA ARG A 246 -27.28 8.54 29.53
C ARG A 246 -27.43 8.61 28.01
N LEU A 247 -26.55 9.38 27.36
CA LEU A 247 -26.40 9.31 25.89
C LEU A 247 -26.16 7.86 25.42
N GLY A 248 -26.88 7.43 24.39
CA GLY A 248 -26.87 6.02 24.00
C GLY A 248 -25.61 5.78 23.17
N TYR A 249 -24.90 4.70 23.50
CA TYR A 249 -23.80 4.28 22.71
C TYR A 249 -23.97 2.79 22.44
N ARG A 250 -23.20 2.29 21.47
CA ARG A 250 -22.82 0.89 21.46
C ARG A 250 -21.53 0.74 22.17
N THR A 251 -21.35 -0.38 22.87
CA THR A 251 -20.02 -0.75 23.38
C THR A 251 -19.50 -2.01 22.67
N LEU A 252 -18.23 -2.32 22.92
CA LEU A 252 -17.59 -3.50 22.35
C LEU A 252 -16.94 -4.32 23.46
N ASP A 253 -17.05 -5.66 23.41
CA ASP A 253 -16.25 -6.53 24.25
C ASP A 253 -15.17 -7.11 23.39
N PHE A 254 -13.94 -7.06 23.87
CA PHE A 254 -12.84 -7.61 23.14
C PHE A 254 -12.41 -8.91 23.83
N LYS A 255 -12.67 -10.08 23.26
CA LYS A 255 -12.23 -11.34 23.84
C LYS A 255 -10.85 -11.78 23.28
N LYS A 256 -9.86 -11.71 24.16
CA LYS A 256 -8.47 -12.04 23.89
C LYS A 256 -8.21 -13.50 23.76
N PHE A 257 -7.45 -13.87 22.73
CA PHE A 257 -6.76 -15.16 22.65
C PHE A 257 -5.37 -15.04 22.00
N ILE A 258 -4.50 -16.02 22.32
CA ILE A 258 -3.15 -16.00 21.80
C ILE A 258 -2.96 -17.23 20.96
N TYR A 259 -2.30 -17.11 19.83
CA TYR A 259 -2.08 -18.24 18.95
C TYR A 259 -0.61 -18.28 18.63
N GLN A 260 0.00 -19.46 18.56
CA GLN A 260 1.42 -19.50 18.16
C GLN A 260 1.54 -19.69 16.65
N GLY A 261 1.82 -18.58 15.96
CA GLY A 261 1.82 -18.52 14.50
C GLY A 261 0.88 -17.43 13.98
N ASP A 262 0.34 -17.66 12.79
CA ASP A 262 -0.53 -16.69 12.15
C ASP A 262 -1.95 -17.23 12.24
N TYR A 263 -2.78 -16.63 13.10
CA TYR A 263 -4.18 -17.11 13.28
C TYR A 263 -5.07 -16.89 12.04
N GLN A 264 -4.97 -15.72 11.41
CA GLN A 264 -5.85 -15.52 10.24
C GLN A 264 -5.11 -14.98 8.99
N GLY A 265 -3.91 -14.44 9.14
CA GLY A 265 -3.13 -14.03 7.99
C GLY A 265 -3.40 -12.63 7.55
N CYS A 266 -4.14 -11.86 8.37
CA CYS A 266 -4.44 -10.44 8.05
C CYS A 266 -4.92 -9.71 9.34
N ALA A 267 -4.81 -8.39 9.36
CA ALA A 267 -5.18 -7.62 10.52
C ALA A 267 -6.67 -7.74 10.86
N VAL A 268 -7.55 -7.66 9.85
CA VAL A 268 -9.00 -7.57 10.11
C VAL A 268 -9.81 -8.58 9.32
N MET A 269 -10.49 -9.50 9.97
CA MET A 269 -11.44 -10.35 9.26
C MET A 269 -12.91 -10.07 9.74
N ASN A 270 -13.80 -9.61 8.83
CA ASN A 270 -15.22 -9.45 9.19
C ASN A 270 -15.95 -10.76 9.06
N TYR A 271 -16.94 -10.96 9.92
CA TYR A 271 -17.80 -12.08 9.88
C TYR A 271 -19.21 -11.58 9.58
N CYS A 272 -19.59 -11.70 8.32
CA CYS A 272 -20.83 -11.02 7.90
C CYS A 272 -22.14 -11.71 8.40
N SER A 273 -22.10 -12.98 8.74
CA SER A 273 -23.30 -13.69 9.13
C SER A 273 -23.82 -13.25 10.54
N VAL A 274 -25.12 -13.05 10.64
CA VAL A 274 -25.73 -12.71 11.92
C VAL A 274 -25.61 -13.89 12.85
N ASP A 275 -25.25 -15.04 12.32
CA ASP A 275 -25.29 -16.26 13.10
C ASP A 275 -23.89 -16.49 13.65
N VAL A 276 -22.99 -15.56 13.38
CA VAL A 276 -21.66 -15.60 14.01
C VAL A 276 -21.71 -14.44 14.96
N PRO A 277 -21.43 -14.70 16.25
CA PRO A 277 -21.80 -13.71 17.28
C PRO A 277 -20.83 -12.54 17.42
N TYR A 278 -19.56 -12.74 17.05
CA TYR A 278 -18.66 -11.58 16.99
C TYR A 278 -18.75 -10.90 15.63
N THR A 279 -18.52 -9.58 15.58
CA THR A 279 -18.56 -8.88 14.32
C THR A 279 -17.32 -9.19 13.48
N ARG A 280 -16.17 -9.34 14.16
CA ARG A 280 -14.90 -9.56 13.50
C ARG A 280 -13.79 -10.09 14.40
N ILE A 281 -12.71 -10.60 13.79
CA ILE A 281 -11.50 -11.01 14.51
C ILE A 281 -10.35 -10.07 14.07
N THR A 282 -9.60 -9.51 15.02
CA THR A 282 -8.48 -8.72 14.66
C THR A 282 -7.20 -9.45 15.09
N GLU A 283 -6.14 -9.32 14.27
CA GLU A 283 -4.88 -9.98 14.57
C GLU A 283 -3.81 -8.90 14.55
N HIS A 284 -3.45 -8.44 15.76
CA HIS A 284 -2.90 -7.09 15.94
C HIS A 284 -1.50 -6.93 15.40
N LYS A 285 -0.78 -8.02 15.27
CA LYS A 285 0.58 -7.98 14.71
C LYS A 285 0.57 -7.54 13.28
N TYR A 286 -0.56 -7.79 12.58
CA TYR A 286 -0.65 -7.33 11.17
C TYR A 286 -0.78 -5.83 11.06
N PHE A 287 -1.10 -5.12 12.14
CA PHE A 287 -1.07 -3.64 12.13
C PHE A 287 0.32 -3.09 12.21
N SER A 288 1.32 -3.94 12.50
CA SER A 288 2.74 -3.49 12.48
C SER A 288 3.53 -4.47 11.63
N PRO A 289 3.29 -4.44 10.32
CA PRO A 289 3.94 -5.45 9.46
C PRO A 289 5.47 -5.35 9.41
N TRP A 290 6.03 -4.18 9.68
CA TRP A 290 7.51 -4.05 9.80
C TRP A 290 8.09 -4.85 10.98
N GLU A 291 7.28 -5.44 11.87
CA GLU A 291 7.84 -6.26 12.92
C GLU A 291 7.55 -7.74 12.71
N GLN A 292 8.33 -8.63 13.33
CA GLN A 292 8.05 -10.07 13.22
C GLN A 292 7.72 -10.63 14.57
N HIS A 293 6.69 -11.50 14.62
CA HIS A 293 6.28 -12.05 15.89
C HIS A 293 5.75 -13.42 15.60
N ASP A 294 6.17 -14.39 16.42
CA ASP A 294 5.74 -15.78 16.25
C ASP A 294 4.47 -15.99 17.03
N GLY A 295 4.43 -15.51 18.26
CA GLY A 295 3.17 -15.56 19.01
C GLY A 295 2.24 -14.47 18.44
N SER A 296 0.92 -14.60 18.61
CA SER A 296 -0.01 -13.58 18.07
C SER A 296 -1.16 -13.25 19.07
N VAL A 297 -1.39 -12.00 19.41
CA VAL A 297 -2.56 -11.60 20.17
C VAL A 297 -3.70 -11.31 19.19
N CYS A 298 -4.83 -12.00 19.39
CA CYS A 298 -6.07 -11.81 18.60
C CYS A 298 -7.23 -11.42 19.48
N TYR A 299 -8.18 -10.69 18.91
CA TYR A 299 -9.46 -10.41 19.54
C TYR A 299 -10.68 -10.75 18.67
N LYS A 300 -11.63 -11.47 19.29
CA LYS A 300 -13.00 -11.54 18.83
C LYS A 300 -13.70 -10.35 19.40
N GLU A 301 -14.42 -9.60 18.54
CA GLU A 301 -15.09 -8.34 19.00
C GLU A 301 -16.58 -8.48 18.99
N TYR A 302 -17.23 -8.15 20.08
CA TYR A 302 -18.70 -8.27 20.11
C TYR A 302 -19.31 -6.92 20.41
N SER A 303 -20.42 -6.64 19.74
CA SER A 303 -21.10 -5.40 19.89
C SER A 303 -22.39 -5.58 20.72
N ARG A 304 -22.69 -4.57 21.55
CA ARG A 304 -23.87 -4.58 22.37
C ARG A 304 -24.10 -3.19 22.87
N ALA A 305 -25.26 -3.02 23.50
CA ALA A 305 -25.72 -1.71 23.95
C ALA A 305 -24.82 -1.30 25.11
N CYS A 306 -24.44 -0.03 25.19
CA CYS A 306 -23.45 0.36 26.23
C CYS A 306 -24.27 0.54 27.51
N GLU A 307 -23.90 -0.19 28.54
CA GLU A 307 -24.55 -0.08 29.86
C GLU A 307 -23.71 0.83 30.78
N GLU A 308 -24.28 1.24 31.90
CA GLU A 308 -23.62 2.13 32.85
C GLU A 308 -22.05 1.92 33.07
N ASN A 309 -21.61 0.70 33.27
CA ASN A 309 -20.18 0.59 33.50
C ASN A 309 -19.38 0.13 32.26
N ASP A 310 -19.93 0.27 31.05
CA ASP A 310 -19.13 -0.16 29.88
C ASP A 310 -18.48 1.08 29.28
N ILE A 311 -17.47 0.90 28.45
CA ILE A 311 -16.82 2.01 27.81
C ILE A 311 -17.75 2.34 26.64
N PRO A 312 -18.08 3.62 26.38
CA PRO A 312 -18.86 4.01 25.21
C PRO A 312 -17.93 4.13 23.99
N TYR A 313 -18.24 3.39 22.93
CA TYR A 313 -17.49 3.45 21.66
C TYR A 313 -18.22 4.23 20.60
N TYR A 314 -19.30 3.67 20.03
CA TYR A 314 -20.02 4.35 18.94
C TYR A 314 -21.27 5.01 19.41
N PRO A 315 -21.37 6.30 19.18
CA PRO A 315 -22.58 7.05 19.56
C PRO A 315 -23.76 6.76 18.61
N ILE A 316 -24.93 6.47 19.17
CA ILE A 316 -26.08 6.01 18.37
C ILE A 316 -26.79 7.16 17.59
N ARG A 317 -27.07 8.28 18.26
CA ARG A 317 -27.42 9.51 17.54
C ARG A 317 -28.71 9.45 16.75
N GLN A 318 -29.64 8.60 17.18
CA GLN A 318 -30.99 8.72 16.61
C GLN A 318 -31.86 9.75 17.37
N MET A 319 -33.15 9.79 17.01
CA MET A 319 -34.04 10.85 17.50
C MET A 319 -34.00 10.97 19.02
N GLY A 320 -34.26 9.86 19.72
CA GLY A 320 -34.18 9.86 21.17
C GLY A 320 -32.84 10.38 21.72
N GLU A 321 -31.74 9.98 21.08
CA GLU A 321 -30.45 10.31 21.65
C GLU A 321 -30.21 11.80 21.45
N MET A 322 -30.60 12.30 20.30
CA MET A 322 -30.44 13.70 19.99
C MET A 322 -31.37 14.61 20.81
N ALA A 323 -32.48 14.06 21.28
CA ALA A 323 -33.36 14.86 22.13
C ALA A 323 -32.68 14.95 23.50
N LEU A 324 -32.10 13.87 23.96
CA LEU A 324 -31.34 13.90 25.20
C LEU A 324 -30.16 14.85 25.10
N LEU A 325 -29.45 14.81 23.99
CA LEU A 325 -28.27 15.71 23.77
C LEU A 325 -28.69 17.16 23.87
N GLU A 326 -29.83 17.51 23.24
CA GLU A 326 -30.34 18.88 23.23
C GLU A 326 -30.52 19.47 24.66
N LYS A 327 -30.95 18.62 25.59
CA LYS A 327 -31.03 18.97 27.01
C LYS A 327 -29.68 19.29 27.69
N TYR A 328 -28.66 18.51 27.37
CA TYR A 328 -27.37 18.77 27.95
C TYR A 328 -26.77 20.04 27.30
N LEU A 329 -27.07 20.24 26.03
CA LEU A 329 -26.57 21.40 25.33
C LEU A 329 -27.15 22.67 25.92
N SER A 330 -28.44 22.70 26.28
CA SER A 330 -28.98 23.91 26.84
C SER A 330 -28.43 24.16 28.28
N LEU A 331 -28.01 23.13 29.01
CA LEU A 331 -27.15 23.37 30.20
C LEU A 331 -25.78 23.94 29.83
N ALA A 332 -25.23 23.43 28.72
CA ALA A 332 -23.87 23.79 28.38
C ALA A 332 -23.79 25.23 27.93
N GLU A 333 -24.85 25.74 27.33
CA GLU A 333 -24.78 27.06 26.71
C GLU A 333 -24.66 28.14 27.77
N ASN A 334 -25.05 27.78 28.98
CA ASN A 334 -25.04 28.65 30.15
C ASN A 334 -23.72 28.75 30.90
N GLU A 335 -22.67 28.05 30.45
CA GLU A 335 -21.44 27.99 31.25
C GLU A 335 -20.42 29.06 30.89
N THR A 336 -19.53 29.34 31.85
CA THR A 336 -18.42 30.25 31.54
C THR A 336 -17.11 29.56 31.74
N ASN A 337 -16.16 29.92 30.90
CA ASN A 337 -14.75 29.47 31.04
C ASN A 337 -14.57 27.92 30.99
N ILE A 338 -15.47 27.23 30.27
CA ILE A 338 -15.29 25.81 29.90
C ILE A 338 -15.57 25.59 28.39
N THR A 339 -14.85 24.68 27.73
CA THR A 339 -15.15 24.31 26.32
C THR A 339 -15.16 22.83 26.34
N PHE A 340 -16.22 22.23 25.77
CA PHE A 340 -16.34 20.78 25.66
C PHE A 340 -15.83 20.39 24.29
N VAL A 341 -14.99 19.39 24.26
CA VAL A 341 -14.38 19.03 22.98
C VAL A 341 -14.41 17.50 22.78
N GLY A 342 -14.16 17.03 21.54
CA GLY A 342 -13.86 15.63 21.29
C GLY A 342 -15.07 14.73 21.24
N ARG A 343 -14.82 13.43 21.03
CA ARG A 343 -15.90 12.47 20.74
C ARG A 343 -16.82 12.42 21.95
N LEU A 344 -16.28 12.32 23.16
CA LEU A 344 -17.11 12.23 24.41
C LEU A 344 -17.75 13.54 24.80
N GLY A 345 -17.04 14.64 24.56
CA GLY A 345 -17.47 15.96 25.00
C GLY A 345 -18.55 16.50 24.10
N THR A 346 -18.64 15.98 22.86
CA THR A 346 -19.58 16.52 21.90
C THR A 346 -20.52 15.41 21.33
N TYR A 347 -20.35 14.16 21.80
CA TYR A 347 -21.25 13.09 21.36
C TYR A 347 -21.21 12.96 19.84
N ARG A 348 -19.99 12.83 19.28
CA ARG A 348 -19.81 12.65 17.82
C ARG A 348 -18.79 11.58 17.66
N TYR A 349 -18.91 10.80 16.60
CA TYR A 349 -17.84 9.85 16.26
C TYR A 349 -16.74 10.71 15.51
N LEU A 350 -15.46 10.71 15.91
CA LEU A 350 -14.45 11.53 15.23
C LEU A 350 -13.24 10.71 14.99
N ASP A 351 -12.77 10.71 13.75
CA ASP A 351 -11.51 10.03 13.45
C ASP A 351 -10.37 10.81 14.12
N MET A 352 -9.21 10.16 14.23
CA MET A 352 -8.03 10.76 14.83
C MET A 352 -7.64 12.07 14.13
N ASP A 353 -7.66 12.10 12.80
CA ASP A 353 -7.20 13.33 12.14
C ASP A 353 -8.19 14.48 12.39
N VAL A 354 -9.47 14.18 12.29
CA VAL A 354 -10.54 15.15 12.61
C VAL A 354 -10.43 15.69 14.03
N THR A 355 -10.22 14.81 15.02
CA THR A 355 -10.02 15.18 16.38
C THR A 355 -8.80 16.15 16.48
N ILE A 356 -7.70 15.79 15.82
CA ILE A 356 -6.52 16.67 15.79
C ILE A 356 -6.79 18.06 15.15
N ALA A 357 -7.42 18.07 14.00
CA ALA A 357 -7.68 19.31 13.33
C ALA A 357 -8.61 20.14 14.20
N GLU A 358 -9.60 19.55 14.86
CA GLU A 358 -10.50 20.33 15.69
C GLU A 358 -9.79 20.84 16.92
N ALA A 359 -8.84 20.05 17.43
CA ALA A 359 -8.07 20.48 18.60
C ALA A 359 -7.15 21.69 18.27
N LEU A 360 -6.53 21.67 17.09
CA LEU A 360 -5.76 22.81 16.63
C LEU A 360 -6.64 24.07 16.51
N LYS A 361 -7.79 23.93 15.86
CA LYS A 361 -8.72 25.06 15.78
C LYS A 361 -9.20 25.60 17.16
N THR A 362 -9.51 24.70 18.09
CA THR A 362 -9.96 25.10 19.40
C THR A 362 -8.87 25.93 20.13
N ALA A 363 -7.61 25.50 20.04
CA ALA A 363 -6.50 26.23 20.67
C ALA A 363 -6.46 27.62 20.05
N GLU A 364 -6.48 27.65 18.72
CA GLU A 364 -6.43 28.89 17.97
C GLU A 364 -7.58 29.80 18.35
N VAL A 365 -8.79 29.29 18.41
CA VAL A 365 -9.90 30.10 18.87
C VAL A 365 -9.60 30.72 20.25
N TYR A 366 -9.08 29.92 21.18
CA TYR A 366 -8.85 30.41 22.52
C TYR A 366 -7.80 31.52 22.56
N LEU A 367 -6.66 31.30 21.91
CA LEU A 367 -5.60 32.29 21.73
C LEU A 367 -6.13 33.57 21.07
N ASN A 368 -6.92 33.46 20.01
CA ASN A 368 -7.53 34.63 19.40
C ASN A 368 -8.47 35.36 20.36
N SER A 369 -9.05 34.62 21.30
CA SER A 369 -10.05 35.25 22.13
C SER A 369 -9.28 36.06 23.20
N LEU A 370 -8.11 35.59 23.60
CA LEU A 370 -7.32 36.33 24.57
C LEU A 370 -6.86 37.69 24.01
N THR A 371 -6.36 37.70 22.78
CA THR A 371 -5.81 38.89 22.17
C THR A 371 -6.92 39.85 21.68
N ASP A 372 -8.15 39.36 21.56
CA ASP A 372 -9.25 40.25 21.18
C ASP A 372 -10.15 40.58 22.36
N ASN A 373 -9.80 40.01 23.51
CA ASN A 373 -10.57 40.17 24.74
C ASN A 373 -12.05 39.93 24.42
N GLN A 374 -12.33 38.77 23.81
CA GLN A 374 -13.70 38.26 23.65
C GLN A 374 -13.86 37.03 24.57
N PRO A 375 -15.11 36.68 24.94
CA PRO A 375 -15.26 35.47 25.76
C PRO A 375 -15.09 34.17 24.90
N MET A 376 -14.44 33.16 25.47
CA MET A 376 -14.31 31.84 24.81
C MET A 376 -15.62 31.04 24.78
N PRO A 377 -16.14 30.69 23.58
CA PRO A 377 -17.40 29.90 23.55
C PRO A 377 -17.27 28.49 24.11
N VAL A 378 -18.42 27.89 24.42
CA VAL A 378 -18.45 26.59 25.07
C VAL A 378 -18.14 25.42 24.07
N PHE A 379 -18.41 25.66 22.80
CA PHE A 379 -18.17 24.69 21.69
C PHE A 379 -17.57 25.45 20.51
N THR A 380 -16.57 24.85 19.85
CA THR A 380 -15.95 25.53 18.69
C THR A 380 -16.40 24.83 17.40
N VAL A 381 -17.41 23.98 17.57
CA VAL A 381 -17.95 23.21 16.47
C VAL A 381 -19.45 23.24 16.62
N SER A 382 -20.17 23.08 15.53
CA SER A 382 -21.62 22.97 15.66
C SER A 382 -22.11 21.57 16.16
N VAL A 383 -23.14 21.59 17.02
CA VAL A 383 -23.94 20.35 17.30
C VAL A 383 -25.51 20.52 17.37
N GLY A 384 -26.06 21.37 16.47
CA GLY A 384 -27.54 21.57 16.29
C GLY A 384 -28.17 20.41 15.48
N LYS B 2 43.15 15.37 -13.91
CA LYS B 2 43.25 14.88 -15.34
C LYS B 2 41.86 14.45 -15.82
N SER B 3 41.44 14.97 -16.97
CA SER B 3 40.08 14.77 -17.49
C SER B 3 39.90 13.75 -18.66
N LYS B 4 39.26 12.61 -18.35
CA LYS B 4 39.14 11.50 -19.30
C LYS B 4 38.07 11.70 -20.36
N LYS B 5 38.30 11.17 -21.54
CA LYS B 5 37.21 11.16 -22.51
C LYS B 5 36.49 9.81 -22.31
N ILE B 6 35.22 9.87 -21.87
CA ILE B 6 34.43 8.68 -21.68
C ILE B 6 33.43 8.49 -22.78
N LEU B 7 33.38 7.28 -23.32
CA LEU B 7 32.29 6.92 -24.20
C LEU B 7 31.44 5.95 -23.44
N ILE B 8 30.12 6.12 -23.53
CA ILE B 8 29.25 5.24 -22.78
C ILE B 8 28.27 4.84 -23.78
N VAL B 9 28.11 3.53 -23.97
CA VAL B 9 27.12 3.06 -24.99
C VAL B 9 25.80 2.76 -24.30
N GLY B 10 24.79 3.54 -24.63
CA GLY B 10 23.45 3.38 -24.02
C GLY B 10 23.08 4.57 -23.10
N ALA B 11 21.88 5.13 -23.27
CA ALA B 11 21.36 6.19 -22.45
C ALA B 11 20.19 5.70 -21.53
N GLY B 12 20.27 4.46 -21.07
CA GLY B 12 19.31 3.92 -20.09
C GLY B 12 19.92 4.20 -18.73
N PHE B 13 19.38 3.59 -17.67
CA PHE B 13 19.93 3.79 -16.32
C PHE B 13 21.42 3.48 -16.16
N SER B 14 21.89 2.39 -16.79
CA SER B 14 23.33 2.08 -16.65
C SER B 14 24.16 3.27 -17.13
N GLY B 15 23.95 3.74 -18.35
CA GLY B 15 24.85 4.74 -18.89
C GLY B 15 24.62 6.13 -18.28
N ALA B 16 23.33 6.48 -18.06
CA ALA B 16 22.96 7.75 -17.47
C ALA B 16 23.63 7.85 -16.11
N VAL B 17 23.48 6.83 -15.27
CA VAL B 17 24.01 6.95 -13.91
C VAL B 17 25.53 6.92 -13.85
N ILE B 18 26.17 5.94 -14.48
CA ILE B 18 27.62 6.02 -14.62
C ILE B 18 28.01 7.41 -15.20
N GLY B 19 27.36 7.83 -16.27
CA GLY B 19 27.77 9.07 -16.90
C GLY B 19 27.73 10.30 -15.95
N ARG B 20 26.66 10.44 -15.18
CA ARG B 20 26.51 11.56 -14.24
C ARG B 20 27.51 11.46 -13.10
N GLN B 21 27.70 10.29 -12.54
CA GLN B 21 28.71 10.17 -11.50
C GLN B 21 30.07 10.72 -11.96
N LEU B 22 30.42 10.52 -13.23
CA LEU B 22 31.76 10.88 -13.71
C LEU B 22 31.79 12.29 -14.21
N ALA B 23 30.68 12.73 -14.80
CA ALA B 23 30.61 14.12 -15.26
C ALA B 23 30.79 15.09 -14.08
N GLU B 24 30.40 14.64 -12.90
CA GLU B 24 30.41 15.45 -11.72
C GLU B 24 31.77 15.51 -11.07
N LYS B 25 32.67 14.61 -11.49
CA LYS B 25 34.04 14.68 -11.06
C LYS B 25 34.92 15.17 -12.17
N GLY B 26 34.37 15.83 -13.18
CA GLY B 26 35.23 16.46 -14.18
C GLY B 26 35.42 15.88 -15.57
N HIS B 27 35.03 14.62 -15.78
CA HIS B 27 35.44 13.92 -17.04
C HIS B 27 34.54 14.28 -18.13
N GLN B 28 34.95 14.15 -19.39
CA GLN B 28 34.09 14.50 -20.48
C GLN B 28 33.31 13.26 -20.99
N VAL B 29 31.97 13.31 -20.95
CA VAL B 29 31.21 12.07 -21.07
C VAL B 29 30.40 12.16 -22.30
N HIS B 30 30.66 11.21 -23.22
CA HIS B 30 29.88 11.15 -24.44
C HIS B 30 29.00 9.91 -24.32
N ILE B 31 27.69 10.16 -24.30
CA ILE B 31 26.73 9.09 -24.24
C ILE B 31 26.09 8.93 -25.58
N ILE B 32 26.01 7.68 -26.11
CA ILE B 32 25.29 7.49 -27.38
C ILE B 32 24.19 6.45 -27.24
N ASP B 33 23.22 6.40 -28.12
CA ASP B 33 22.25 5.34 -28.01
C ASP B 33 21.79 5.23 -29.44
N GLN B 34 21.62 4.00 -29.94
CA GLN B 34 21.14 3.79 -31.32
C GLN B 34 19.67 4.12 -31.46
N ARG B 35 18.93 4.18 -30.35
CA ARG B 35 17.47 4.52 -30.47
C ARG B 35 17.29 5.98 -30.64
N ASP B 36 16.06 6.42 -30.86
CA ASP B 36 15.81 7.85 -31.02
C ASP B 36 15.34 8.60 -29.77
N HIS B 37 15.52 8.01 -28.59
CA HIS B 37 15.10 8.67 -27.36
C HIS B 37 15.97 8.08 -26.31
N ILE B 38 15.96 8.71 -25.14
CA ILE B 38 16.75 8.27 -24.03
C ILE B 38 15.97 7.19 -23.26
N GLY B 39 16.56 6.67 -22.21
CA GLY B 39 15.78 5.89 -21.30
C GLY B 39 15.99 4.39 -21.39
N GLY B 40 16.50 3.91 -22.54
CA GLY B 40 16.60 2.46 -22.73
C GLY B 40 15.24 1.83 -22.54
N ASN B 41 15.19 0.66 -21.89
CA ASN B 41 13.92 -0.08 -21.74
C ASN B 41 12.99 0.47 -20.66
N SER B 42 13.43 1.50 -19.97
CA SER B 42 12.63 2.15 -18.93
C SER B 42 11.81 3.29 -19.51
N TYR B 43 12.02 3.59 -20.78
CA TYR B 43 11.45 4.78 -21.40
C TYR B 43 9.93 4.85 -21.34
N ASP B 44 9.39 6.02 -21.00
CA ASP B 44 7.94 6.21 -21.10
C ASP B 44 7.59 7.44 -21.87
N ALA B 45 6.33 7.49 -22.30
CA ALA B 45 5.88 8.65 -23.03
C ALA B 45 4.39 8.71 -23.06
N ARG B 46 3.87 9.94 -23.21
CA ARG B 46 2.41 10.19 -23.20
C ARG B 46 1.78 9.87 -24.49
N ASP B 47 0.77 9.03 -24.47
CA ASP B 47 -0.01 8.74 -25.67
C ASP B 47 -0.84 9.95 -26.19
N SER B 48 -0.83 10.16 -27.51
CA SER B 48 -1.47 11.36 -28.07
C SER B 48 -2.93 11.49 -27.82
N GLU B 49 -3.69 10.48 -28.23
CA GLU B 49 -5.14 10.58 -28.05
C GLU B 49 -5.58 10.79 -26.58
N THR B 50 -5.04 9.96 -25.68
CA THR B 50 -5.56 9.84 -24.28
C THR B 50 -4.74 10.57 -23.23
N ASN B 51 -3.52 10.93 -23.59
CA ASN B 51 -2.55 11.47 -22.64
C ASN B 51 -2.11 10.58 -21.45
N VAL B 52 -2.33 9.29 -21.57
CA VAL B 52 -1.89 8.37 -20.53
C VAL B 52 -0.40 8.20 -20.71
N MET B 53 0.35 8.21 -19.62
CA MET B 53 1.77 7.90 -19.61
C MET B 53 1.95 6.43 -19.89
N VAL B 54 2.51 6.08 -21.03
CA VAL B 54 2.63 4.74 -21.46
C VAL B 54 4.06 4.22 -21.18
N HIS B 55 4.13 3.05 -20.55
CA HIS B 55 5.41 2.35 -20.38
C HIS B 55 5.77 1.56 -21.63
N VAL B 56 6.53 2.22 -22.48
CA VAL B 56 6.74 1.74 -23.85
C VAL B 56 7.34 0.30 -23.99
N TYR B 57 8.26 -0.07 -23.11
CA TYR B 57 8.84 -1.40 -23.19
C TYR B 57 8.23 -2.31 -22.13
N GLY B 58 6.95 -2.07 -21.80
CA GLY B 58 6.26 -2.79 -20.73
C GLY B 58 6.36 -2.14 -19.34
N PRO B 59 5.40 -2.46 -18.47
CA PRO B 59 5.36 -1.80 -17.16
C PRO B 59 6.66 -1.80 -16.40
N HIS B 60 7.01 -0.64 -15.84
CA HIS B 60 8.16 -0.56 -14.95
C HIS B 60 7.75 -0.03 -13.59
N ILE B 61 7.92 -0.88 -12.59
CA ILE B 61 7.56 -0.55 -11.22
C ILE B 61 8.88 -0.39 -10.41
N PHE B 62 9.09 0.74 -9.73
CA PHE B 62 10.28 0.86 -8.96
C PHE B 62 10.11 0.31 -7.56
N HIS B 63 11.06 -0.53 -7.15
CA HIS B 63 11.06 -1.20 -5.87
C HIS B 63 12.47 -1.52 -5.43
N THR B 64 12.75 -1.27 -4.17
CA THR B 64 14.06 -1.55 -3.61
C THR B 64 14.02 -1.58 -2.10
N ASP B 65 15.00 -2.28 -1.56
CA ASP B 65 15.33 -2.21 -0.15
C ASP B 65 16.57 -1.37 0.10
N ASN B 66 17.11 -0.77 -0.98
CA ASN B 66 18.34 -0.02 -0.90
C ASN B 66 18.05 1.45 -0.73
N GLU B 67 18.25 1.98 0.46
CA GLU B 67 17.71 3.32 0.70
C GLU B 67 18.60 4.37 0.00
N THR B 68 19.89 4.05 -0.09
CA THR B 68 20.81 4.91 -0.89
C THR B 68 20.29 5.10 -2.34
N VAL B 69 19.78 4.02 -2.92
CA VAL B 69 19.25 4.08 -4.28
C VAL B 69 17.98 4.90 -4.29
N TRP B 70 17.10 4.64 -3.33
CA TRP B 70 15.87 5.44 -3.14
C TRP B 70 16.16 6.93 -3.00
N ASN B 71 17.07 7.29 -2.11
CA ASN B 71 17.35 8.71 -1.98
C ASN B 71 17.84 9.25 -3.27
N TYR B 72 18.59 8.41 -4.00
CA TYR B 72 19.23 8.89 -5.26
C TYR B 72 18.20 9.23 -6.29
N ILE B 73 17.21 8.35 -6.54
CA ILE B 73 16.23 8.70 -7.59
C ILE B 73 15.29 9.86 -7.10
N ASN B 74 15.07 9.94 -5.77
CA ASN B 74 14.30 11.04 -5.19
C ASN B 74 14.93 12.39 -5.41
N LYS B 75 16.22 12.41 -5.82
CA LYS B 75 16.87 13.65 -6.25
C LYS B 75 16.53 13.98 -7.67
N HIS B 76 15.89 13.04 -8.40
CA HIS B 76 15.78 13.30 -9.86
C HIS B 76 14.37 13.17 -10.32
N ALA B 77 13.47 12.99 -9.34
CA ALA B 77 12.05 12.72 -9.58
C ALA B 77 11.32 12.86 -8.23
N GLU B 78 10.02 12.95 -8.27
CA GLU B 78 9.20 12.85 -7.08
C GLU B 78 8.59 11.48 -7.14
N MET B 79 9.00 10.60 -6.24
CA MET B 79 8.41 9.28 -6.17
C MET B 79 6.99 9.23 -5.51
N MET B 80 5.97 8.77 -6.25
CA MET B 80 4.63 8.64 -5.74
C MET B 80 4.44 7.24 -5.19
N PRO B 81 3.69 7.05 -4.08
CA PRO B 81 3.52 5.65 -3.62
C PRO B 81 2.73 4.81 -4.60
N TYR B 82 3.02 3.51 -4.62
CA TYR B 82 2.34 2.62 -5.58
C TYR B 82 2.69 1.23 -5.16
N VAL B 83 1.69 0.35 -5.10
CA VAL B 83 1.92 -1.04 -4.75
C VAL B 83 1.28 -1.96 -5.79
N ASN B 84 2.10 -2.77 -6.46
CA ASN B 84 1.67 -3.54 -7.60
C ASN B 84 0.83 -4.67 -7.06
N ARG B 85 -0.36 -4.86 -7.61
CA ARG B 85 -1.14 -6.01 -7.17
C ARG B 85 -1.83 -6.52 -8.39
N VAL B 86 -1.55 -7.77 -8.69
CA VAL B 86 -1.77 -8.40 -9.97
C VAL B 86 -2.98 -9.29 -9.78
N LYS B 87 -3.85 -9.30 -10.76
CA LYS B 87 -4.99 -10.18 -10.78
C LYS B 87 -4.76 -11.21 -11.94
N ALA B 88 -5.47 -12.33 -11.93
CA ALA B 88 -5.27 -13.32 -12.95
C ALA B 88 -6.60 -13.96 -13.23
N THR B 89 -6.86 -14.16 -14.52
CA THR B 89 -8.13 -14.80 -14.96
C THR B 89 -7.82 -16.19 -15.51
N VAL B 90 -8.42 -17.20 -14.89
CA VAL B 90 -8.37 -18.56 -15.42
C VAL B 90 -9.57 -19.35 -14.92
N ASN B 91 -9.99 -20.34 -15.71
CA ASN B 91 -11.11 -21.23 -15.36
C ASN B 91 -12.41 -20.47 -14.98
N GLY B 92 -12.73 -19.37 -15.65
CA GLY B 92 -14.01 -18.60 -15.36
C GLY B 92 -13.96 -17.87 -14.02
N GLN B 93 -12.77 -17.72 -13.42
CA GLN B 93 -12.63 -16.95 -12.19
C GLN B 93 -11.50 -15.89 -12.22
N VAL B 94 -11.65 -14.85 -11.39
CA VAL B 94 -10.55 -13.86 -11.21
C VAL B 94 -9.88 -14.05 -9.84
N PHE B 95 -8.57 -14.25 -9.88
CA PHE B 95 -7.84 -14.52 -8.69
C PHE B 95 -6.81 -13.46 -8.44
N SER B 96 -6.34 -13.49 -7.21
CA SER B 96 -5.20 -12.73 -6.73
C SER B 96 -3.85 -13.49 -6.94
N LEU B 97 -2.83 -12.78 -7.40
CA LEU B 97 -1.49 -13.35 -7.49
C LEU B 97 -0.54 -12.40 -6.76
N PRO B 98 0.61 -12.88 -6.28
CA PRO B 98 1.10 -14.29 -6.31
C PRO B 98 0.15 -15.14 -5.48
N ILE B 99 0.20 -16.44 -5.69
CA ILE B 99 -0.72 -17.32 -4.99
C ILE B 99 -0.68 -17.12 -3.46
N ASN B 100 -1.86 -16.86 -2.85
CA ASN B 100 -1.86 -16.47 -1.44
C ASN B 100 -3.05 -17.10 -0.74
N LEU B 101 -3.27 -16.79 0.52
CA LEU B 101 -4.38 -17.46 1.21
C LEU B 101 -5.77 -17.20 0.58
N HIS B 102 -5.94 -16.00 0.01
CA HIS B 102 -7.16 -15.73 -0.78
C HIS B 102 -7.27 -16.58 -2.02
N THR B 103 -6.16 -16.69 -2.77
CA THR B 103 -6.18 -17.51 -4.01
C THR B 103 -6.59 -18.98 -3.65
N ILE B 104 -6.13 -19.42 -2.50
CA ILE B 104 -6.30 -20.78 -2.14
C ILE B 104 -7.73 -21.04 -1.66
N ASN B 105 -8.19 -20.19 -0.77
CA ASN B 105 -9.59 -20.28 -0.34
C ASN B 105 -10.54 -20.14 -1.55
N GLN B 106 -10.29 -19.22 -2.45
CA GLN B 106 -11.17 -19.05 -3.56
C GLN B 106 -11.12 -20.29 -4.45
N PHE B 107 -9.90 -20.77 -4.73
CA PHE B 107 -9.72 -21.80 -5.69
C PHE B 107 -10.44 -23.07 -5.26
N PHE B 108 -10.23 -23.48 -4.00
CA PHE B 108 -10.83 -24.67 -3.42
C PHE B 108 -12.16 -24.42 -2.69
N SER B 109 -12.64 -23.18 -2.67
CA SER B 109 -13.89 -22.89 -1.95
C SER B 109 -13.83 -23.21 -0.47
N LYS B 110 -12.85 -22.66 0.20
CA LYS B 110 -12.62 -22.98 1.59
C LYS B 110 -12.59 -21.69 2.40
N THR B 111 -12.55 -21.82 3.72
CA THR B 111 -12.32 -20.70 4.60
C THR B 111 -11.16 -21.10 5.51
N CYS B 112 -10.08 -21.64 4.91
CA CYS B 112 -8.91 -22.03 5.70
C CYS B 112 -8.21 -20.86 6.42
N SER B 113 -7.70 -21.18 7.60
CA SER B 113 -6.76 -20.28 8.27
C SER B 113 -5.33 -20.57 7.66
N PRO B 114 -4.29 -19.73 7.98
CA PRO B 114 -3.01 -20.05 7.45
C PRO B 114 -2.61 -21.50 7.70
N ASP B 115 -2.74 -22.01 8.93
CA ASP B 115 -2.22 -23.37 9.16
C ASP B 115 -3.08 -24.45 8.58
N GLU B 116 -4.39 -24.24 8.55
CA GLU B 116 -5.23 -25.27 7.89
C GLU B 116 -4.91 -25.33 6.39
N ALA B 117 -4.48 -24.17 5.88
CA ALA B 117 -4.19 -24.15 4.46
C ALA B 117 -2.87 -24.90 4.17
N ARG B 118 -1.87 -24.75 5.08
CA ARG B 118 -0.61 -25.57 4.99
C ARG B 118 -0.95 -27.04 4.99
N ALA B 119 -1.78 -27.47 5.91
CA ALA B 119 -2.30 -28.84 5.93
C ALA B 119 -3.01 -29.22 4.63
N LEU B 120 -3.81 -28.30 4.08
CA LEU B 120 -4.46 -28.56 2.82
C LEU B 120 -3.44 -28.75 1.68
N ILE B 121 -2.45 -27.85 1.57
CA ILE B 121 -1.50 -27.95 0.44
C ILE B 121 -0.55 -29.18 0.60
N ALA B 122 -0.13 -29.48 1.82
CA ALA B 122 0.65 -30.67 2.08
C ALA B 122 -0.09 -31.95 1.57
N GLU B 123 -1.43 -32.04 1.76
CA GLU B 123 -2.09 -33.23 1.24
C GLU B 123 -2.15 -33.24 -0.30
N LYS B 124 -2.35 -32.05 -0.90
CA LYS B 124 -2.51 -31.95 -2.36
C LYS B 124 -1.15 -32.25 -3.02
N GLY B 125 -0.08 -31.92 -2.30
CA GLY B 125 1.27 -32.03 -2.83
C GLY B 125 1.46 -33.50 -3.26
N ASP B 126 2.04 -33.74 -4.43
CA ASP B 126 2.16 -35.14 -4.93
C ASP B 126 3.35 -35.84 -4.31
N SER B 127 3.15 -36.58 -3.23
CA SER B 127 4.25 -37.03 -2.38
C SER B 127 4.97 -38.31 -2.90
N THR B 128 4.42 -38.91 -3.97
CA THR B 128 4.99 -40.08 -4.61
C THR B 128 6.21 -39.69 -5.43
N ILE B 129 6.45 -38.39 -5.58
CA ILE B 129 7.56 -37.91 -6.40
C ILE B 129 8.76 -37.64 -5.49
N ALA B 130 9.65 -38.60 -5.39
CA ALA B 130 10.84 -38.48 -4.55
C ALA B 130 11.82 -37.90 -5.48
N ASP B 131 12.62 -36.96 -4.99
CA ASP B 131 13.73 -36.47 -5.83
C ASP B 131 13.28 -35.85 -7.26
N PRO B 132 12.46 -34.74 -7.24
CA PRO B 132 12.01 -34.06 -8.47
C PRO B 132 13.16 -33.47 -9.30
N GLN B 133 13.05 -33.59 -10.63
CA GLN B 133 14.14 -33.17 -11.49
C GLN B 133 13.75 -31.98 -12.40
N THR B 134 12.45 -31.89 -12.72
CA THR B 134 11.89 -30.82 -13.54
C THR B 134 11.06 -29.78 -12.75
N PHE B 135 10.88 -28.62 -13.33
CA PHE B 135 9.95 -27.61 -12.83
C PHE B 135 8.55 -28.25 -12.64
N GLU B 136 8.06 -28.93 -13.69
CA GLU B 136 6.83 -29.72 -13.55
C GLU B 136 6.81 -30.59 -12.27
N GLU B 137 7.77 -31.47 -12.11
CA GLU B 137 7.78 -32.34 -10.91
C GLU B 137 7.91 -31.60 -9.61
N GLN B 138 8.69 -30.54 -9.62
CA GLN B 138 8.84 -29.78 -8.40
C GLN B 138 7.50 -29.07 -7.99
N ALA B 139 6.83 -28.51 -8.97
CA ALA B 139 5.52 -27.86 -8.74
C ALA B 139 4.52 -28.90 -8.27
N LEU B 140 4.52 -30.07 -8.95
CA LEU B 140 3.59 -31.14 -8.60
C LEU B 140 3.85 -31.57 -7.20
N ARG B 141 5.08 -31.81 -6.84
CA ARG B 141 5.31 -32.25 -5.45
C ARG B 141 4.84 -31.20 -4.47
N PHE B 142 5.14 -29.94 -4.78
CA PHE B 142 4.88 -28.85 -3.83
C PHE B 142 3.38 -28.61 -3.60
N ILE B 143 2.59 -28.52 -4.66
CA ILE B 143 1.21 -28.02 -4.58
C ILE B 143 0.13 -28.82 -5.28
N GLY B 144 0.50 -29.88 -5.99
CA GLY B 144 -0.48 -30.79 -6.56
C GLY B 144 -0.94 -30.35 -7.95
N LYS B 145 -1.71 -31.21 -8.60
CA LYS B 145 -2.04 -31.10 -10.00
C LYS B 145 -2.99 -29.94 -10.31
N GLU B 146 -4.00 -29.75 -9.46
CA GLU B 146 -5.02 -28.75 -9.71
C GLU B 146 -4.38 -27.35 -9.77
N LEU B 147 -3.63 -26.98 -8.74
CA LEU B 147 -2.97 -25.67 -8.71
C LEU B 147 -1.88 -25.52 -9.80
N TYR B 148 -1.04 -26.56 -9.93
CA TYR B 148 -0.06 -26.59 -10.97
C TYR B 148 -0.65 -26.35 -12.39
N GLU B 149 -1.69 -27.06 -12.74
CA GLU B 149 -2.27 -26.90 -14.07
C GLU B 149 -3.06 -25.60 -14.24
N ALA B 150 -3.73 -25.13 -13.19
CA ALA B 150 -4.47 -23.82 -13.33
C ALA B 150 -3.49 -22.61 -13.44
N PHE B 151 -2.50 -22.56 -12.57
CA PHE B 151 -1.67 -21.33 -12.44
C PHE B 151 -0.27 -21.37 -13.03
N PHE B 152 0.31 -22.58 -13.24
CA PHE B 152 1.70 -22.67 -13.70
C PHE B 152 1.94 -23.21 -15.09
N LYS B 153 1.29 -24.34 -15.40
CA LYS B 153 1.58 -25.09 -16.63
C LYS B 153 1.35 -24.27 -17.87
N GLY B 154 0.10 -23.83 -18.04
CA GLY B 154 -0.23 -22.89 -19.13
C GLY B 154 0.61 -21.59 -19.21
N TYR B 155 0.79 -20.90 -18.10
CA TYR B 155 1.48 -19.59 -18.14
C TYR B 155 3.00 -19.79 -18.47
N THR B 156 3.58 -20.87 -17.90
CA THR B 156 4.95 -21.27 -18.23
C THR B 156 5.13 -21.50 -19.73
N ILE B 157 4.23 -22.25 -20.34
CA ILE B 157 4.26 -22.49 -21.77
C ILE B 157 4.29 -21.20 -22.53
N LYS B 158 3.42 -20.27 -22.16
CA LYS B 158 3.44 -18.97 -22.82
C LYS B 158 4.63 -18.09 -22.58
N GLN B 159 5.02 -17.98 -21.32
CA GLN B 159 6.14 -17.10 -20.90
C GLN B 159 7.51 -17.59 -21.43
N TRP B 160 7.77 -18.89 -21.31
CA TRP B 160 9.11 -19.41 -21.57
C TRP B 160 9.19 -20.05 -22.95
N GLY B 161 8.04 -20.35 -23.53
CA GLY B 161 7.97 -21.06 -24.79
C GLY B 161 8.41 -22.50 -24.63
N MET B 162 8.26 -23.06 -23.42
CA MET B 162 8.68 -24.43 -23.12
C MET B 162 7.67 -24.95 -22.10
N GLN B 163 7.57 -26.28 -21.99
CA GLN B 163 6.72 -27.00 -21.03
C GLN B 163 7.55 -27.03 -19.74
N PRO B 164 6.90 -26.97 -18.57
CA PRO B 164 7.67 -27.04 -17.34
C PRO B 164 8.51 -28.32 -17.15
N SER B 165 8.13 -29.42 -17.84
CA SER B 165 8.93 -30.67 -17.81
C SER B 165 10.31 -30.45 -18.42
N GLU B 166 10.42 -29.43 -19.28
CA GLU B 166 11.64 -29.10 -19.98
C GLU B 166 12.54 -28.19 -19.14
N LEU B 167 12.15 -27.87 -17.89
CA LEU B 167 12.95 -26.87 -17.15
C LEU B 167 13.31 -27.46 -15.80
N PRO B 168 14.33 -26.88 -15.11
CA PRO B 168 14.87 -27.62 -13.96
C PRO B 168 14.06 -27.41 -12.73
N ALA B 169 14.06 -28.40 -11.85
CA ALA B 169 13.34 -28.27 -10.61
C ALA B 169 13.89 -27.09 -9.80
N SER B 170 15.14 -26.71 -10.02
CA SER B 170 15.82 -25.72 -9.20
C SER B 170 15.36 -24.29 -9.49
N ILE B 171 14.55 -24.17 -10.53
CA ILE B 171 13.98 -22.94 -10.95
C ILE B 171 13.02 -22.44 -9.86
N LEU B 172 12.35 -23.34 -9.15
CA LEU B 172 11.62 -22.86 -7.99
C LEU B 172 11.94 -23.63 -6.72
N LYS B 173 12.65 -22.95 -5.83
CA LYS B 173 13.26 -23.59 -4.67
C LYS B 173 12.36 -23.59 -3.46
N ARG B 174 11.29 -22.80 -3.49
CA ARG B 174 10.38 -22.68 -2.35
C ARG B 174 8.95 -23.02 -2.76
N LEU B 175 8.22 -23.66 -1.85
CA LEU B 175 6.81 -23.87 -1.98
C LEU B 175 6.11 -22.48 -2.38
N PRO B 176 5.40 -22.41 -3.47
CA PRO B 176 5.04 -21.02 -3.87
C PRO B 176 3.62 -20.74 -3.43
N VAL B 177 3.37 -20.66 -2.15
CA VAL B 177 2.08 -20.19 -1.64
C VAL B 177 2.48 -19.24 -0.52
N ARG B 178 1.90 -18.03 -0.50
CA ARG B 178 1.89 -17.21 0.74
C ARG B 178 0.70 -17.60 1.60
N PHE B 179 0.96 -17.99 2.84
CA PHE B 179 -0.10 -18.46 3.72
C PHE B 179 -0.55 -17.29 4.59
N ASN B 180 -0.80 -16.17 3.92
CA ASN B 180 -1.44 -15.04 4.49
C ASN B 180 -2.17 -14.24 3.40
N TYR B 181 -2.83 -13.16 3.78
CA TYR B 181 -3.57 -12.44 2.79
C TYR B 181 -2.74 -11.35 2.09
N ASP B 182 -1.44 -11.43 2.16
CA ASP B 182 -0.62 -10.34 1.54
C ASP B 182 -0.53 -10.56 0.01
N ASP B 183 -1.04 -9.63 -0.78
CA ASP B 183 -0.97 -9.78 -2.25
C ASP B 183 -0.21 -8.66 -2.91
N ASN B 184 0.66 -8.00 -2.17
CA ASN B 184 1.66 -7.08 -2.75
C ASN B 184 2.60 -7.93 -3.57
N TYR B 185 2.73 -7.63 -4.84
CA TYR B 185 3.60 -8.44 -5.71
C TYR B 185 5.06 -8.35 -5.30
N PHE B 186 5.50 -7.14 -4.87
CA PHE B 186 6.90 -6.95 -4.44
C PHE B 186 7.01 -6.75 -2.90
N ASN B 187 7.93 -7.42 -2.23
CA ASN B 187 8.08 -7.26 -0.76
C ASN B 187 9.03 -6.17 -0.27
N HIS B 188 9.53 -5.35 -1.16
CA HIS B 188 10.57 -4.38 -0.85
C HIS B 188 10.02 -3.26 0.03
N LYS B 189 10.90 -2.75 0.85
CA LYS B 189 10.60 -1.65 1.69
C LYS B 189 10.14 -0.43 0.90
N PHE B 190 10.83 -0.08 -0.20
CA PHE B 190 10.43 1.10 -0.98
C PHE B 190 9.80 0.71 -2.32
N GLN B 191 8.64 1.29 -2.65
CA GLN B 191 7.97 0.99 -3.88
C GLN B 191 7.30 2.24 -4.41
N GLY B 192 7.36 2.55 -5.70
CA GLY B 192 6.70 3.74 -6.16
C GLY B 192 6.87 3.99 -7.65
N MET B 193 6.32 5.12 -8.12
CA MET B 193 6.28 5.41 -9.52
C MET B 193 6.62 6.87 -9.56
N PRO B 194 7.43 7.28 -10.55
CA PRO B 194 7.88 8.68 -10.52
C PRO B 194 6.78 9.54 -11.10
N LYS B 195 6.55 10.71 -10.51
CA LYS B 195 5.32 11.43 -10.82
C LYS B 195 5.35 11.85 -12.28
N CYS B 196 6.51 12.34 -12.75
CA CYS B 196 6.62 12.70 -14.18
C CYS B 196 7.24 11.61 -15.11
N GLY B 197 7.32 10.35 -14.70
CA GLY B 197 7.81 9.31 -15.63
C GLY B 197 9.31 9.02 -15.59
N TYR B 198 9.73 7.80 -15.93
CA TYR B 198 11.16 7.49 -15.93
C TYR B 198 11.96 8.31 -16.92
N THR B 199 11.38 8.67 -18.05
CA THR B 199 12.12 9.42 -19.05
C THR B 199 12.58 10.74 -18.47
N GLN B 200 11.67 11.44 -17.75
CA GLN B 200 12.07 12.71 -17.10
C GLN B 200 13.04 12.47 -16.00
N MET B 201 12.88 11.39 -15.25
CA MET B 201 13.88 11.05 -14.27
C MET B 201 15.23 10.87 -14.95
N ILE B 202 15.26 10.24 -16.12
CA ILE B 202 16.63 9.96 -16.70
C ILE B 202 17.15 11.19 -17.38
N LYS B 203 16.21 11.96 -17.89
CA LYS B 203 16.55 13.26 -18.44
C LYS B 203 17.20 14.11 -17.37
N SER B 204 16.78 13.96 -16.13
CA SER B 204 17.39 14.75 -15.07
C SER B 204 18.76 14.19 -14.66
N ILE B 205 18.86 12.87 -14.54
CA ILE B 205 20.19 12.29 -14.37
C ILE B 205 21.18 12.73 -15.48
N LEU B 206 20.68 12.86 -16.70
CA LEU B 206 21.53 13.21 -17.81
C LEU B 206 21.89 14.71 -17.95
N ASN B 207 21.28 15.60 -17.14
CA ASN B 207 21.41 17.07 -17.28
C ASN B 207 22.66 17.53 -16.54
N HIS B 208 23.78 17.53 -17.24
CA HIS B 208 24.99 18.06 -16.73
C HIS B 208 25.78 18.62 -17.94
N GLU B 209 26.57 19.64 -17.63
CA GLU B 209 27.39 20.34 -18.59
C GLU B 209 28.36 19.36 -19.26
N ASN B 210 28.91 18.46 -18.46
CA ASN B 210 29.93 17.54 -18.95
C ASN B 210 29.44 16.28 -19.69
N ILE B 211 28.17 16.27 -20.13
CA ILE B 211 27.55 15.08 -20.68
C ILE B 211 27.00 15.51 -21.97
N LYS B 212 27.38 14.84 -23.05
CA LYS B 212 26.79 15.09 -24.37
C LYS B 212 26.09 13.78 -24.73
N VAL B 213 24.88 13.91 -25.19
CA VAL B 213 24.09 12.76 -25.51
C VAL B 213 23.87 12.84 -26.99
N ASP B 214 24.22 11.80 -27.72
CA ASP B 214 23.78 11.72 -29.15
C ASP B 214 22.90 10.52 -29.38
N LEU B 215 21.73 10.72 -29.99
CA LEU B 215 20.78 9.65 -30.23
C LEU B 215 20.87 9.25 -31.70
N GLN B 216 20.20 8.14 -32.06
CA GLN B 216 20.22 7.58 -33.41
C GLN B 216 21.68 7.34 -33.79
N ARG B 217 22.43 6.92 -32.82
CA ARG B 217 23.83 6.83 -33.00
C ARG B 217 24.34 5.44 -32.59
N GLU B 218 24.85 4.66 -33.56
CA GLU B 218 25.40 3.30 -33.22
C GLU B 218 26.81 3.27 -32.76
N PHE B 219 27.09 2.37 -31.84
CA PHE B 219 28.47 2.11 -31.52
C PHE B 219 29.21 1.53 -32.75
N ILE B 220 30.48 1.86 -32.92
CA ILE B 220 31.28 1.35 -34.03
C ILE B 220 32.59 1.09 -33.35
N VAL B 221 33.14 -0.13 -33.41
CA VAL B 221 34.44 -0.47 -32.78
C VAL B 221 35.54 0.56 -33.05
N ASP B 222 35.57 1.10 -34.26
CA ASP B 222 36.63 2.03 -34.65
C ASP B 222 36.68 3.19 -33.64
N GLU B 223 35.54 3.54 -33.05
CA GLU B 223 35.48 4.59 -32.00
C GLU B 223 36.36 4.40 -30.85
N ARG B 224 36.60 3.16 -30.45
CA ARG B 224 37.26 2.92 -29.15
C ARG B 224 38.54 3.74 -28.87
N THR B 225 39.26 4.04 -29.97
CA THR B 225 40.62 4.57 -29.92
C THR B 225 40.61 6.03 -29.54
N HIS B 226 39.52 6.70 -29.85
CA HIS B 226 39.35 8.10 -29.44
C HIS B 226 38.95 8.34 -27.99
N TYR B 227 38.82 7.31 -27.17
CA TYR B 227 38.43 7.52 -25.75
C TYR B 227 39.39 6.85 -24.82
N ASP B 228 39.45 7.33 -23.57
CA ASP B 228 40.26 6.67 -22.54
C ASP B 228 39.60 5.45 -21.91
N HIS B 229 38.28 5.47 -21.75
CA HIS B 229 37.53 4.29 -21.32
C HIS B 229 36.16 4.21 -21.98
N VAL B 230 35.61 3.00 -22.12
CA VAL B 230 34.28 2.82 -22.73
C VAL B 230 33.42 2.09 -21.74
N PHE B 231 32.22 2.59 -21.45
CA PHE B 231 31.30 1.78 -20.64
C PHE B 231 30.27 1.29 -21.59
N TYR B 232 30.03 -0.04 -21.62
CA TYR B 232 29.20 -0.65 -22.68
C TYR B 232 27.98 -1.34 -22.12
N SER B 233 26.77 -0.80 -22.39
CA SER B 233 25.54 -1.42 -21.81
C SER B 233 24.72 -2.14 -22.90
N GLY B 234 25.24 -2.21 -24.14
CA GLY B 234 24.58 -2.96 -25.19
C GLY B 234 24.92 -4.47 -25.11
N PRO B 235 24.34 -5.32 -25.94
CA PRO B 235 24.48 -6.79 -25.75
C PRO B 235 25.90 -7.31 -25.99
N LEU B 236 26.34 -8.15 -25.06
CA LEU B 236 27.71 -8.67 -25.06
C LEU B 236 27.95 -9.53 -26.32
N ASP B 237 26.97 -10.40 -26.67
CA ASP B 237 27.16 -11.29 -27.85
C ASP B 237 27.34 -10.44 -29.14
N ALA B 238 26.60 -9.34 -29.28
CA ALA B 238 26.69 -8.48 -30.46
C ALA B 238 27.96 -7.71 -30.52
N PHE B 239 28.44 -7.23 -29.38
CA PHE B 239 29.71 -6.58 -29.37
C PHE B 239 30.75 -7.54 -30.08
N TYR B 240 30.67 -8.83 -29.81
CA TYR B 240 31.70 -9.74 -30.48
C TYR B 240 31.14 -10.40 -31.72
N GLY B 241 30.29 -9.68 -32.48
CA GLY B 241 29.82 -10.16 -33.78
C GLY B 241 28.95 -11.39 -33.74
N TYR B 242 28.39 -11.72 -32.57
CA TYR B 242 27.70 -13.03 -32.42
C TYR B 242 28.51 -14.26 -32.87
N GLN B 243 29.83 -14.17 -32.76
CA GLN B 243 30.73 -15.18 -33.31
C GLN B 243 30.52 -16.57 -32.80
N TYR B 244 29.90 -16.71 -31.63
CA TYR B 244 29.56 -18.04 -31.15
C TYR B 244 28.10 -18.38 -31.12
N GLY B 245 27.25 -17.49 -31.63
CA GLY B 245 25.79 -17.66 -31.48
C GLY B 245 25.21 -16.52 -30.66
N ARG B 246 23.88 -16.47 -30.69
CA ARG B 246 23.07 -15.37 -30.13
C ARG B 246 22.55 -15.86 -28.78
N LEU B 247 22.73 -15.06 -27.74
CA LEU B 247 22.27 -15.46 -26.36
C LEU B 247 20.77 -15.58 -26.33
N GLY B 248 20.19 -16.62 -25.78
CA GLY B 248 18.72 -16.82 -25.94
C GLY B 248 17.92 -15.83 -25.06
N TYR B 249 16.94 -15.17 -25.65
CA TYR B 249 15.98 -14.30 -24.93
C TYR B 249 14.54 -14.56 -25.37
N ARG B 250 13.61 -14.18 -24.51
CA ARG B 250 12.22 -14.07 -24.93
C ARG B 250 12.04 -12.67 -25.40
N THR B 251 11.15 -12.50 -26.38
CA THR B 251 10.83 -11.12 -26.76
C THR B 251 9.32 -10.95 -26.57
N LEU B 252 8.86 -9.69 -26.55
CA LEU B 252 7.43 -9.47 -26.30
C LEU B 252 6.88 -8.61 -27.41
N ASP B 253 5.67 -8.95 -27.89
CA ASP B 253 4.87 -8.04 -28.78
C ASP B 253 3.72 -7.37 -28.00
N PHE B 254 3.56 -6.05 -28.17
CA PHE B 254 2.54 -5.27 -27.49
C PHE B 254 1.46 -4.85 -28.50
N LYS B 255 0.24 -5.33 -28.30
CA LYS B 255 -0.83 -4.98 -29.20
C LYS B 255 -1.78 -3.96 -28.56
N LYS B 256 -1.70 -2.74 -29.05
CA LYS B 256 -2.32 -1.57 -28.47
C LYS B 256 -3.77 -1.49 -28.84
N PHE B 257 -4.60 -1.14 -27.84
CA PHE B 257 -5.96 -0.66 -28.11
C PHE B 257 -6.35 0.46 -27.12
N ILE B 258 -7.36 1.21 -27.52
CA ILE B 258 -7.82 2.31 -26.72
C ILE B 258 -9.22 2.01 -26.28
N TYR B 259 -9.46 2.14 -24.97
CA TYR B 259 -10.85 1.98 -24.47
C TYR B 259 -11.31 3.28 -23.80
N GLN B 260 -12.57 3.64 -24.01
CA GLN B 260 -13.13 4.88 -23.40
C GLN B 260 -13.79 4.53 -22.03
N GLY B 261 -13.05 4.70 -20.94
CA GLY B 261 -13.44 4.12 -19.64
C GLY B 261 -12.32 3.30 -18.98
N ASP B 262 -12.71 2.39 -18.12
CA ASP B 262 -11.82 1.51 -17.41
C ASP B 262 -12.03 0.17 -18.07
N TYR B 263 -11.02 -0.25 -18.81
CA TYR B 263 -11.17 -1.43 -19.53
C TYR B 263 -11.22 -2.63 -18.64
N GLN B 264 -10.37 -2.69 -17.61
CA GLN B 264 -10.29 -3.90 -16.80
C GLN B 264 -10.21 -3.63 -15.27
N GLY B 265 -9.89 -2.39 -14.86
CA GLY B 265 -9.97 -1.98 -13.44
C GLY B 265 -8.76 -2.31 -12.55
N CYS B 266 -7.62 -2.57 -13.21
CA CYS B 266 -6.32 -2.78 -12.58
C CYS B 266 -5.22 -2.63 -13.69
N ALA B 267 -4.02 -2.31 -13.26
CA ALA B 267 -2.86 -2.14 -14.11
C ALA B 267 -2.54 -3.43 -14.90
N VAL B 268 -2.74 -4.60 -14.28
CA VAL B 268 -2.15 -5.84 -14.82
C VAL B 268 -3.11 -6.95 -14.58
N MET B 269 -3.58 -7.55 -15.66
CA MET B 269 -4.35 -8.75 -15.58
C MET B 269 -3.64 -9.92 -16.32
N ASN B 270 -3.22 -10.95 -15.59
CA ASN B 270 -2.56 -12.12 -16.15
C ASN B 270 -3.67 -13.07 -16.61
N TYR B 271 -3.40 -13.80 -17.67
CA TYR B 271 -4.26 -14.84 -18.20
C TYR B 271 -3.48 -16.15 -18.15
N CYS B 272 -3.79 -17.01 -17.18
CA CYS B 272 -3.02 -18.23 -17.04
C CYS B 272 -3.20 -19.30 -18.12
N SER B 273 -4.36 -19.32 -18.76
CA SER B 273 -4.68 -20.39 -19.71
C SER B 273 -3.80 -20.31 -20.94
N VAL B 274 -3.27 -21.46 -21.38
CA VAL B 274 -2.54 -21.62 -22.67
C VAL B 274 -3.44 -21.37 -23.89
N ASP B 275 -4.76 -21.51 -23.72
CA ASP B 275 -5.69 -21.24 -24.81
C ASP B 275 -5.98 -19.77 -24.96
N VAL B 276 -5.39 -18.92 -24.11
CA VAL B 276 -5.49 -17.45 -24.35
C VAL B 276 -4.11 -17.01 -24.79
N PRO B 277 -3.93 -16.32 -25.94
CA PRO B 277 -2.58 -16.31 -26.52
C PRO B 277 -1.65 -15.24 -25.95
N TYR B 278 -2.25 -14.18 -25.45
CA TYR B 278 -1.51 -13.18 -24.69
C TYR B 278 -1.25 -13.67 -23.29
N THR B 279 -0.13 -13.21 -22.79
CA THR B 279 0.31 -13.42 -21.43
C THR B 279 -0.51 -12.55 -20.44
N ARG B 280 -0.65 -11.27 -20.73
CA ARG B 280 -1.32 -10.31 -19.82
C ARG B 280 -1.94 -9.24 -20.62
N ILE B 281 -2.86 -8.54 -20.01
CA ILE B 281 -3.35 -7.25 -20.52
C ILE B 281 -2.98 -6.22 -19.50
N THR B 282 -2.36 -5.13 -19.94
CA THR B 282 -1.94 -4.06 -19.10
C THR B 282 -2.78 -2.81 -19.44
N GLU B 283 -3.16 -2.06 -18.41
CA GLU B 283 -3.90 -0.82 -18.61
C GLU B 283 -3.15 0.26 -17.91
N HIS B 284 -2.42 1.01 -18.72
CA HIS B 284 -1.35 1.85 -18.21
C HIS B 284 -1.71 3.01 -17.32
N LYS B 285 -2.93 3.49 -17.47
CA LYS B 285 -3.31 4.66 -16.59
C LYS B 285 -3.30 4.22 -15.16
N TYR B 286 -3.52 2.92 -14.90
CA TYR B 286 -3.45 2.43 -13.56
C TYR B 286 -2.04 2.50 -12.92
N PHE B 287 -0.99 2.77 -13.72
CA PHE B 287 0.35 3.01 -13.14
C PHE B 287 0.51 4.43 -12.64
N SER B 288 -0.45 5.30 -12.94
CA SER B 288 -0.45 6.70 -12.47
C SER B 288 -1.79 7.05 -11.74
N PRO B 289 -2.11 6.40 -10.60
CA PRO B 289 -3.45 6.57 -9.96
C PRO B 289 -3.75 7.99 -9.52
N TRP B 290 -2.73 8.81 -9.22
CA TRP B 290 -2.93 10.23 -8.97
C TRP B 290 -3.40 11.02 -10.20
N GLU B 291 -3.52 10.37 -11.34
CA GLU B 291 -3.93 11.10 -12.55
C GLU B 291 -5.29 10.60 -12.92
N GLN B 292 -6.11 11.42 -13.53
CA GLN B 292 -7.41 10.92 -14.04
C GLN B 292 -7.47 11.00 -15.56
N HIS B 293 -7.94 9.91 -16.20
CA HIS B 293 -8.01 9.83 -17.63
C HIS B 293 -9.30 9.15 -18.06
N ASP B 294 -10.04 9.76 -18.98
CA ASP B 294 -11.24 9.13 -19.49
C ASP B 294 -10.92 8.08 -20.55
N GLY B 295 -10.06 8.41 -21.51
CA GLY B 295 -9.57 7.43 -22.49
C GLY B 295 -8.41 6.58 -21.91
N SER B 296 -8.41 5.28 -22.18
CA SER B 296 -7.42 4.40 -21.56
C SER B 296 -6.62 3.65 -22.64
N VAL B 297 -5.29 3.62 -22.52
CA VAL B 297 -4.44 2.85 -23.42
C VAL B 297 -4.12 1.51 -22.78
N CYS B 298 -4.41 0.42 -23.49
CA CYS B 298 -4.13 -0.93 -23.07
C CYS B 298 -3.27 -1.72 -24.10
N TYR B 299 -2.70 -2.83 -23.64
CA TYR B 299 -1.88 -3.72 -24.46
C TYR B 299 -2.17 -5.15 -24.09
N LYS B 300 -2.46 -5.97 -25.11
CA LYS B 300 -2.32 -7.39 -24.98
C LYS B 300 -0.82 -7.64 -25.21
N GLU B 301 -0.25 -8.50 -24.37
CA GLU B 301 1.20 -8.84 -24.42
C GLU B 301 1.36 -10.24 -24.90
N TYR B 302 2.16 -10.40 -25.95
CA TYR B 302 2.45 -11.73 -26.53
C TYR B 302 3.95 -12.02 -26.37
N SER B 303 4.24 -13.21 -25.88
CA SER B 303 5.61 -13.62 -25.69
C SER B 303 6.00 -14.63 -26.79
N ARG B 304 7.20 -14.46 -27.34
CA ARG B 304 7.75 -15.44 -28.30
C ARG B 304 9.29 -15.48 -28.23
N ALA B 305 9.90 -16.40 -29.00
CA ALA B 305 11.34 -16.53 -29.02
C ALA B 305 11.84 -15.27 -29.60
N CYS B 306 12.92 -14.70 -29.03
CA CYS B 306 13.54 -13.50 -29.61
C CYS B 306 14.38 -13.87 -30.81
N GLU B 307 13.92 -13.38 -31.98
CA GLU B 307 14.59 -13.61 -33.24
C GLU B 307 15.41 -12.36 -33.52
N GLU B 308 16.21 -12.43 -34.57
CA GLU B 308 17.23 -11.42 -34.87
C GLU B 308 16.77 -9.93 -34.93
N ASN B 309 15.57 -9.64 -35.44
CA ASN B 309 15.10 -8.24 -35.50
C ASN B 309 14.27 -7.69 -34.26
N ASP B 310 14.00 -8.58 -33.29
CA ASP B 310 13.25 -8.29 -32.07
C ASP B 310 14.12 -7.66 -30.96
N ILE B 311 13.49 -6.89 -30.07
CA ILE B 311 14.13 -6.33 -28.87
C ILE B 311 14.25 -7.48 -27.86
N PRO B 312 15.42 -7.65 -27.25
CA PRO B 312 15.52 -8.77 -26.28
C PRO B 312 14.90 -8.34 -24.94
N TYR B 313 14.04 -9.16 -24.34
CA TYR B 313 13.46 -8.87 -23.04
C TYR B 313 13.98 -9.69 -21.90
N TYR B 314 13.51 -10.92 -21.76
CA TYR B 314 13.83 -11.75 -20.65
C TYR B 314 14.95 -12.76 -21.06
N PRO B 315 16.08 -12.80 -20.32
CA PRO B 315 17.17 -13.73 -20.69
C PRO B 315 16.79 -15.15 -20.28
N ILE B 316 16.92 -16.11 -21.17
CA ILE B 316 16.50 -17.50 -20.86
C ILE B 316 17.42 -18.16 -19.86
N ARG B 317 18.74 -17.97 -20.03
CA ARG B 317 19.72 -18.39 -18.97
C ARG B 317 19.61 -19.87 -18.48
N GLN B 318 19.28 -20.75 -19.40
CA GLN B 318 19.34 -22.19 -19.11
C GLN B 318 20.74 -22.74 -19.53
N MET B 319 20.95 -24.06 -19.36
CA MET B 319 22.27 -24.75 -19.54
C MET B 319 23.06 -24.28 -20.74
N GLY B 320 22.49 -24.41 -21.93
CA GLY B 320 23.14 -23.93 -23.18
C GLY B 320 23.49 -22.43 -23.26
N GLU B 321 22.64 -21.59 -22.65
CA GLU B 321 22.76 -20.12 -22.83
C GLU B 321 23.89 -19.71 -21.93
N MET B 322 23.90 -20.29 -20.75
CA MET B 322 24.99 -20.05 -19.82
C MET B 322 26.37 -20.53 -20.31
N ALA B 323 26.42 -21.67 -21.02
CA ALA B 323 27.68 -22.18 -21.60
C ALA B 323 28.08 -21.22 -22.65
N LEU B 324 27.09 -20.75 -23.40
CA LEU B 324 27.38 -19.78 -24.43
C LEU B 324 27.90 -18.46 -23.88
N LEU B 325 27.25 -17.93 -22.84
CA LEU B 325 27.68 -16.71 -22.15
C LEU B 325 29.16 -16.85 -21.76
N GLU B 326 29.49 -17.98 -21.12
CA GLU B 326 30.89 -18.34 -20.69
C GLU B 326 31.92 -18.09 -21.81
N LYS B 327 31.56 -18.40 -23.05
CA LYS B 327 32.51 -18.09 -24.14
C LYS B 327 32.72 -16.61 -24.40
N TYR B 328 31.67 -15.76 -24.26
CA TYR B 328 31.90 -14.38 -24.57
C TYR B 328 32.61 -13.77 -23.36
N LEU B 329 32.25 -14.21 -22.16
CA LEU B 329 32.99 -13.81 -20.98
C LEU B 329 34.49 -14.02 -21.11
N SER B 330 34.93 -15.15 -21.65
CA SER B 330 36.37 -15.36 -21.65
C SER B 330 37.01 -14.53 -22.75
N LEU B 331 36.30 -14.16 -23.82
CA LEU B 331 36.79 -13.08 -24.69
C LEU B 331 36.84 -11.71 -24.01
N ALA B 332 35.81 -11.40 -23.23
CA ALA B 332 35.76 -10.03 -22.67
C ALA B 332 36.90 -9.82 -21.64
N GLU B 333 37.34 -10.89 -21.05
CA GLU B 333 38.28 -10.86 -19.93
C GLU B 333 39.64 -10.36 -20.44
N ASN B 334 39.88 -10.38 -21.73
CA ASN B 334 41.15 -9.91 -22.29
C ASN B 334 41.04 -8.50 -22.88
N GLU B 335 39.90 -7.85 -22.70
CA GLU B 335 39.77 -6.46 -23.24
C GLU B 335 40.48 -5.50 -22.34
N THR B 336 40.84 -4.33 -22.85
CA THR B 336 41.33 -3.29 -21.95
C THR B 336 40.61 -2.00 -22.31
N ASN B 337 40.52 -1.12 -21.32
CA ASN B 337 39.78 0.13 -21.45
C ASN B 337 38.30 -0.06 -21.79
N ILE B 338 37.70 -1.15 -21.36
CA ILE B 338 36.24 -1.24 -21.58
C ILE B 338 35.63 -1.92 -20.36
N THR B 339 34.41 -1.53 -19.96
CA THR B 339 33.69 -2.32 -18.90
C THR B 339 32.33 -2.55 -19.48
N PHE B 340 31.88 -3.82 -19.38
CA PHE B 340 30.52 -4.28 -19.80
C PHE B 340 29.57 -4.24 -18.59
N VAL B 341 28.41 -3.58 -18.78
CA VAL B 341 27.45 -3.41 -17.68
C VAL B 341 26.04 -3.65 -18.14
N GLY B 342 25.12 -3.85 -17.16
CA GLY B 342 23.71 -3.84 -17.51
C GLY B 342 23.20 -5.20 -17.87
N ARG B 343 21.90 -5.26 -18.02
CA ARG B 343 21.15 -6.48 -18.33
C ARG B 343 21.73 -6.98 -19.66
N LEU B 344 22.06 -6.08 -20.58
CA LEU B 344 22.44 -6.59 -21.93
C LEU B 344 23.97 -6.91 -21.98
N GLY B 345 24.77 -6.06 -21.33
CA GLY B 345 26.22 -6.25 -21.36
C GLY B 345 26.66 -7.45 -20.57
N THR B 346 25.78 -7.91 -19.66
CA THR B 346 26.11 -9.00 -18.81
C THR B 346 25.12 -10.17 -18.84
N TYR B 347 24.07 -10.11 -19.68
CA TYR B 347 23.15 -11.26 -19.81
C TYR B 347 22.47 -11.63 -18.50
N ARG B 348 22.01 -10.59 -17.77
CA ARG B 348 21.21 -10.84 -16.54
C ARG B 348 19.94 -10.04 -16.58
N TYR B 349 18.89 -10.58 -15.99
CA TYR B 349 17.71 -9.80 -15.69
C TYR B 349 18.11 -8.96 -14.50
N LEU B 350 18.10 -7.62 -14.66
CA LEU B 350 18.37 -6.66 -13.59
C LEU B 350 17.19 -5.65 -13.39
N ASP B 351 16.64 -5.62 -12.16
CA ASP B 351 15.81 -4.48 -11.77
C ASP B 351 16.45 -3.10 -11.90
N MET B 352 15.57 -2.09 -11.99
CA MET B 352 16.02 -0.72 -12.04
C MET B 352 16.90 -0.31 -10.87
N ASP B 353 16.53 -0.74 -9.68
CA ASP B 353 17.25 -0.36 -8.49
C ASP B 353 18.62 -1.03 -8.45
N VAL B 354 18.68 -2.35 -8.70
CA VAL B 354 19.96 -3.06 -8.88
C VAL B 354 20.82 -2.46 -9.98
N THR B 355 20.19 -2.01 -11.07
CA THR B 355 20.96 -1.52 -12.15
C THR B 355 21.61 -0.20 -11.67
N ILE B 356 20.83 0.62 -10.93
CA ILE B 356 21.33 1.91 -10.46
C ILE B 356 22.40 1.66 -9.42
N ALA B 357 22.16 0.77 -8.47
CA ALA B 357 23.24 0.48 -7.49
C ALA B 357 24.52 0.03 -8.19
N GLU B 358 24.44 -0.91 -9.16
CA GLU B 358 25.68 -1.40 -9.87
C GLU B 358 26.30 -0.28 -10.70
N ALA B 359 25.51 0.60 -11.28
CA ALA B 359 26.12 1.75 -11.95
C ALA B 359 26.85 2.66 -10.99
N LEU B 360 26.33 2.90 -9.78
CA LEU B 360 27.01 3.86 -8.88
C LEU B 360 28.34 3.26 -8.47
N LYS B 361 28.32 1.97 -8.19
CA LYS B 361 29.50 1.23 -7.78
C LYS B 361 30.56 1.18 -8.92
N THR B 362 30.08 1.04 -10.16
CA THR B 362 30.95 0.97 -11.31
C THR B 362 31.71 2.29 -11.46
N ALA B 363 31.00 3.44 -11.47
CA ALA B 363 31.65 4.75 -11.55
C ALA B 363 32.65 4.92 -10.42
N GLU B 364 32.26 4.60 -9.22
CA GLU B 364 33.15 4.67 -8.09
C GLU B 364 34.42 3.83 -8.27
N VAL B 365 34.28 2.58 -8.75
CA VAL B 365 35.44 1.70 -8.99
C VAL B 365 36.29 2.43 -10.09
N TYR B 366 35.69 3.07 -11.07
CA TYR B 366 36.50 3.72 -12.06
C TYR B 366 37.17 4.98 -11.49
N LEU B 367 36.45 5.74 -10.64
CA LEU B 367 37.03 6.94 -10.01
C LEU B 367 38.23 6.52 -9.18
N ASN B 368 38.05 5.47 -8.40
CA ASN B 368 39.06 4.96 -7.51
C ASN B 368 40.31 4.45 -8.29
N SER B 369 40.11 4.07 -9.56
CA SER B 369 41.15 3.37 -10.24
C SER B 369 42.06 4.43 -10.82
N LEU B 370 41.48 5.57 -11.20
CA LEU B 370 42.25 6.76 -11.57
C LEU B 370 43.15 7.26 -10.42
N THR B 371 42.54 7.56 -9.28
CA THR B 371 43.28 8.06 -8.15
C THR B 371 44.35 7.08 -7.68
N ASP B 372 44.09 5.76 -7.76
CA ASP B 372 45.07 4.75 -7.31
C ASP B 372 46.10 4.26 -8.35
N ASN B 373 46.02 4.79 -9.56
CA ASN B 373 46.66 4.23 -10.76
C ASN B 373 46.58 2.69 -11.00
N GLN B 374 45.37 2.18 -11.06
CA GLN B 374 45.17 0.76 -11.23
C GLN B 374 44.34 0.60 -12.49
N PRO B 375 44.40 -0.62 -13.07
CA PRO B 375 43.54 -0.76 -14.26
C PRO B 375 42.07 -1.02 -13.87
N MET B 376 41.13 -0.44 -14.63
CA MET B 376 39.68 -0.66 -14.45
C MET B 376 39.35 -2.09 -14.89
N PRO B 377 38.67 -2.89 -14.07
CA PRO B 377 38.26 -4.20 -14.59
C PRO B 377 37.13 -4.12 -15.66
N VAL B 378 36.99 -5.24 -16.36
CA VAL B 378 36.10 -5.39 -17.48
C VAL B 378 34.69 -5.59 -16.97
N PHE B 379 34.58 -6.23 -15.80
CA PHE B 379 33.30 -6.41 -15.13
C PHE B 379 33.40 -5.97 -13.69
N THR B 380 32.36 -5.28 -13.19
CA THR B 380 32.41 -4.80 -11.75
C THR B 380 31.55 -5.58 -10.83
N VAL B 381 30.96 -6.65 -11.38
CA VAL B 381 30.31 -7.69 -10.60
C VAL B 381 30.91 -9.04 -11.08
N SER B 382 30.45 -10.15 -10.50
CA SER B 382 30.95 -11.51 -10.85
C SER B 382 30.39 -12.10 -12.17
#